data_1HOP
#
_entry.id   1HOP
#
_cell.length_a   73.850
_cell.length_b   94.060
_cell.length_c   119.860
_cell.angle_alpha   90.00
_cell.angle_beta   90.00
_cell.angle_gamma   90.00
#
_symmetry.space_group_name_H-M   'P 21 21 21'
#
loop_
_entity.id
_entity.type
_entity.pdbx_description
1 polymer 'ADENYLOSUCCINATE SYNTHETASE'
2 non-polymer 'PHOSPHOMETHYLPHOSPHONIC ACID GUANYLATE ESTER'
3 water water
#
_entity_poly.entity_id   1
_entity_poly.type   'polypeptide(L)'
_entity_poly.pdbx_seq_one_letter_code
;GNNVVVLGTQWGDEGKGKIVDLLTERAKYVVRYQGGHNAGHTLVINGEKTVLHLIPSGILRENVTSIIGNGVVLSPAALM
KEMKELEDRGIPVRERLLLSEACPLILDYHVALDNAREKARGAKAIGTTGRGIGPAYEDKVARRGLRVGDLFDKETFAEK
LKEVMEYHNFQLVNYYKAEAVDYQKVLDDTMAVADILTSMVVDVSDLLDQARQRGDFVMFEGAQGTLLDIDHGTYPYVTS
SNTTAGGVATGSGLGPRYVDYVLGILKAYSTRVGAGPFPTELFDETGEFLCKQGNEFGATTGRRRRTGWLDTVAVRRAVQ
LNSLSGFCLTKLDVLDGLKEVKLCVAYRMPDGREVTTTPLAADDWKGVEPIYETMPGWSESTFGVKDRSGLPQAALNYIK
RIEELTGVPIDIISTGPDRTETMILRDPFDA
;
_entity_poly.pdbx_strand_id   A,B
#
loop_
_chem_comp.id
_chem_comp.type
_chem_comp.name
_chem_comp.formula
GCP non-polymer 'PHOSPHOMETHYLPHOSPHONIC ACID GUANYLATE ESTER' 'C11 H18 N5 O13 P3'
#
# COMPACT_ATOMS: atom_id res chain seq x y z
N GLY A 1 -18.79 -13.68 4.67
CA GLY A 1 -18.80 -12.30 4.22
C GLY A 1 -18.92 -12.27 2.72
N ASN A 2 -18.74 -11.11 2.11
CA ASN A 2 -18.80 -11.04 0.66
C ASN A 2 -17.44 -10.68 0.06
N ASN A 3 -16.64 -9.90 0.79
CA ASN A 3 -15.30 -9.51 0.30
C ASN A 3 -14.32 -10.41 1.01
N VAL A 4 -13.83 -11.45 0.33
CA VAL A 4 -12.85 -12.35 0.94
C VAL A 4 -11.45 -12.29 0.29
N VAL A 5 -10.42 -12.19 1.13
CA VAL A 5 -9.03 -12.19 0.65
C VAL A 5 -8.37 -13.57 0.85
N VAL A 6 -7.71 -14.04 -0.21
CA VAL A 6 -7.01 -15.33 -0.19
C VAL A 6 -5.50 -15.21 -0.46
N LEU A 7 -4.68 -15.87 0.35
CA LEU A 7 -3.29 -15.76 0.10
C LEU A 7 -2.46 -16.67 0.97
N GLY A 8 -1.22 -16.88 0.58
CA GLY A 8 -0.33 -17.74 1.31
C GLY A 8 0.33 -17.03 2.46
N THR A 9 0.54 -17.79 3.51
CA THR A 9 1.09 -17.21 4.73
C THR A 9 2.57 -17.46 4.97
N GLN A 10 3.27 -18.12 4.04
CA GLN A 10 4.65 -18.47 4.24
C GLN A 10 5.55 -17.80 3.23
N TRP A 11 6.19 -18.56 2.34
CA TRP A 11 7.10 -18.01 1.33
C TRP A 11 6.69 -18.48 -0.08
N GLY A 12 5.48 -18.99 -0.19
CA GLY A 12 5.02 -19.47 -1.47
C GLY A 12 4.82 -20.95 -1.36
N ASP A 13 4.42 -21.59 -2.44
CA ASP A 13 4.21 -23.04 -2.46
C ASP A 13 3.23 -23.56 -1.39
N GLU A 14 2.33 -22.69 -0.98
CA GLU A 14 1.37 -23.09 0.00
C GLU A 14 0.31 -24.01 -0.60
N GLY A 15 0.25 -24.15 -1.92
CA GLY A 15 -0.82 -24.95 -2.45
C GLY A 15 -2.11 -24.15 -2.46
N LYS A 16 -2.05 -22.92 -2.98
CA LYS A 16 -3.16 -21.96 -3.10
C LYS A 16 -4.15 -22.32 -4.21
N GLY A 17 -3.63 -22.82 -5.33
CA GLY A 17 -4.41 -23.14 -6.52
C GLY A 17 -5.69 -23.94 -6.41
N LYS A 18 -5.68 -24.90 -5.50
CA LYS A 18 -6.84 -25.76 -5.28
C LYS A 18 -8.00 -24.99 -4.62
N ILE A 19 -7.71 -24.35 -3.50
CA ILE A 19 -8.72 -23.59 -2.75
C ILE A 19 -9.29 -22.45 -3.60
N VAL A 20 -8.42 -21.79 -4.34
CA VAL A 20 -8.85 -20.74 -5.23
C VAL A 20 -10.00 -21.26 -6.11
N ASP A 21 -9.70 -22.13 -7.07
CA ASP A 21 -10.76 -22.68 -7.95
C ASP A 21 -11.99 -23.10 -7.14
N LEU A 22 -11.73 -23.61 -5.93
CA LEU A 22 -12.80 -24.05 -5.02
C LEU A 22 -13.70 -22.88 -4.55
N LEU A 23 -13.10 -21.75 -4.18
CA LEU A 23 -13.87 -20.58 -3.76
C LEU A 23 -14.48 -19.85 -4.95
N THR A 24 -13.88 -20.04 -6.14
CA THR A 24 -14.33 -19.41 -7.40
C THR A 24 -15.70 -19.93 -7.95
N GLU A 25 -16.31 -20.84 -7.22
CA GLU A 25 -17.60 -21.38 -7.57
C GLU A 25 -18.75 -20.63 -6.90
N ARG A 26 -18.44 -20.00 -5.76
CA ARG A 26 -19.43 -19.21 -5.01
C ARG A 26 -19.24 -17.67 -5.10
N ALA A 27 -18.18 -17.21 -5.79
CA ALA A 27 -17.85 -15.82 -5.97
C ALA A 27 -18.26 -15.32 -7.33
N LYS A 28 -18.82 -14.11 -7.43
CA LYS A 28 -19.25 -13.55 -8.73
C LYS A 28 -18.13 -12.81 -9.45
N TYR A 29 -17.31 -12.07 -8.72
CA TYR A 29 -16.17 -11.31 -9.27
C TYR A 29 -14.85 -11.77 -8.66
N VAL A 30 -13.78 -11.78 -9.44
CA VAL A 30 -12.47 -12.17 -8.91
C VAL A 30 -11.44 -11.08 -9.23
N VAL A 31 -10.67 -10.70 -8.23
CA VAL A 31 -9.71 -9.63 -8.44
C VAL A 31 -8.27 -9.91 -7.99
N ARG A 32 -7.36 -9.63 -8.93
CA ARG A 32 -5.91 -9.61 -8.71
C ARG A 32 -5.69 -8.12 -8.33
N TYR A 33 -4.95 -7.86 -7.25
CA TYR A 33 -4.71 -6.52 -6.73
C TYR A 33 -3.23 -6.20 -6.55
N GLN A 34 -2.32 -7.16 -6.66
CA GLN A 34 -0.90 -6.81 -6.51
C GLN A 34 0.03 -7.63 -7.39
N GLY A 35 1.27 -7.15 -7.58
CA GLY A 35 2.25 -7.85 -8.40
C GLY A 35 2.12 -7.87 -9.91
N GLY A 36 2.61 -8.95 -10.52
CA GLY A 36 2.54 -9.01 -11.97
C GLY A 36 2.41 -10.40 -12.56
N HIS A 37 3.02 -10.61 -13.73
CA HIS A 37 2.95 -11.93 -14.33
C HIS A 37 3.93 -12.91 -13.66
N ASN A 38 3.45 -13.47 -12.56
CA ASN A 38 4.12 -14.50 -11.77
C ASN A 38 3.17 -15.06 -10.71
N ALA A 39 1.88 -15.07 -11.06
CA ALA A 39 0.85 -15.62 -10.20
C ALA A 39 1.08 -17.11 -10.01
N GLY A 40 1.41 -17.79 -11.11
CA GLY A 40 1.65 -19.22 -11.05
C GLY A 40 0.45 -20.02 -10.60
N HIS A 41 -0.58 -20.11 -11.44
CA HIS A 41 -1.77 -20.90 -11.12
C HIS A 41 -2.06 -21.80 -12.31
N THR A 42 -1.80 -23.10 -12.14
CA THR A 42 -2.00 -24.08 -13.23
C THR A 42 -3.40 -24.66 -13.30
N LEU A 43 -3.87 -24.87 -14.52
CA LEU A 43 -5.18 -25.43 -14.76
C LEU A 43 -5.20 -26.38 -15.95
N VAL A 44 -6.39 -26.80 -16.34
CA VAL A 44 -6.60 -27.70 -17.46
C VAL A 44 -7.95 -27.36 -18.05
N ILE A 45 -8.00 -27.23 -19.37
CA ILE A 45 -9.27 -26.91 -20.01
C ILE A 45 -9.49 -27.87 -21.19
N ASN A 46 -8.97 -27.48 -22.35
CA ASN A 46 -9.09 -28.22 -23.61
C ASN A 46 -8.33 -29.54 -23.58
N GLY A 47 -8.45 -30.31 -22.51
CA GLY A 47 -7.72 -31.57 -22.44
C GLY A 47 -6.20 -31.36 -22.50
N GLU A 48 -5.78 -30.10 -22.46
CA GLU A 48 -4.37 -29.75 -22.48
C GLU A 48 -4.08 -29.01 -21.18
N LYS A 49 -2.84 -29.05 -20.71
CA LYS A 49 -2.47 -28.41 -19.45
C LYS A 49 -1.98 -26.97 -19.65
N THR A 50 -2.68 -26.02 -19.07
CA THR A 50 -2.27 -24.63 -19.23
C THR A 50 -1.97 -23.97 -17.89
N VAL A 51 -0.95 -23.10 -17.86
CA VAL A 51 -0.62 -22.35 -16.64
C VAL A 51 -0.87 -20.84 -16.84
N LEU A 52 -1.70 -20.24 -15.99
CA LEU A 52 -1.97 -18.80 -16.09
C LEU A 52 -0.97 -18.10 -15.17
N HIS A 53 -0.66 -16.84 -15.48
CA HIS A 53 0.29 -16.02 -14.68
C HIS A 53 -0.27 -14.61 -14.54
N LEU A 54 -1.19 -14.25 -15.44
CA LEU A 54 -1.82 -12.93 -15.46
C LEU A 54 -3.33 -12.99 -15.28
N ILE A 55 -4.01 -13.65 -16.23
CA ILE A 55 -5.46 -13.77 -16.17
C ILE A 55 -5.86 -14.34 -14.83
N PRO A 56 -6.92 -13.78 -14.19
CA PRO A 56 -7.33 -14.35 -12.90
C PRO A 56 -7.83 -15.77 -13.12
N SER A 57 -7.96 -16.50 -12.02
CA SER A 57 -8.35 -17.90 -12.07
C SER A 57 -9.79 -18.16 -12.51
N GLY A 58 -10.65 -17.17 -12.33
CA GLY A 58 -12.05 -17.34 -12.67
C GLY A 58 -12.47 -17.26 -14.10
N ILE A 59 -11.54 -17.03 -15.00
CA ILE A 59 -11.91 -16.91 -16.40
C ILE A 59 -12.72 -18.12 -16.96
N LEU A 60 -12.57 -19.27 -16.32
CA LEU A 60 -13.27 -20.48 -16.78
C LEU A 60 -14.75 -20.35 -16.46
N ARG A 61 -15.02 -19.92 -15.24
CA ARG A 61 -16.40 -19.74 -14.82
C ARG A 61 -17.13 -18.97 -15.90
N GLU A 62 -18.34 -19.41 -16.22
CA GLU A 62 -19.11 -18.69 -17.23
C GLU A 62 -19.71 -17.41 -16.66
N ASN A 63 -20.47 -17.54 -15.56
CA ASN A 63 -21.10 -16.36 -15.02
C ASN A 63 -20.28 -15.60 -13.96
N VAL A 64 -18.95 -15.68 -14.09
CA VAL A 64 -18.01 -14.95 -13.22
C VAL A 64 -17.30 -13.90 -14.07
N THR A 65 -16.78 -12.89 -13.42
CA THR A 65 -16.05 -11.88 -14.12
C THR A 65 -14.73 -11.70 -13.41
N SER A 66 -13.63 -11.78 -14.15
CA SER A 66 -12.30 -11.60 -13.54
C SER A 66 -11.73 -10.21 -13.92
N ILE A 67 -11.21 -9.52 -12.90
CA ILE A 67 -10.67 -8.18 -13.02
C ILE A 67 -9.20 -8.20 -12.62
N ILE A 68 -8.40 -7.46 -13.39
CA ILE A 68 -6.97 -7.19 -13.11
C ILE A 68 -6.97 -5.72 -12.62
N GLY A 69 -6.61 -5.46 -11.37
CA GLY A 69 -6.61 -4.09 -10.86
C GLY A 69 -5.35 -3.21 -10.81
N ASN A 70 -5.58 -1.93 -10.46
CA ASN A 70 -4.56 -0.87 -10.41
C ASN A 70 -3.24 -1.26 -9.82
N GLY A 71 -3.28 -2.21 -8.91
CA GLY A 71 -2.06 -2.71 -8.27
C GLY A 71 -1.21 -3.66 -9.10
N VAL A 72 -1.75 -4.22 -10.18
CA VAL A 72 -0.98 -5.09 -11.04
C VAL A 72 -0.20 -4.36 -12.17
N VAL A 73 1.09 -4.59 -12.25
CA VAL A 73 1.82 -4.03 -13.37
C VAL A 73 1.50 -4.91 -14.64
N LEU A 74 1.05 -4.28 -15.73
CA LEU A 74 0.63 -4.99 -16.92
C LEU A 74 1.68 -5.13 -18.02
N SER A 75 1.52 -6.19 -18.80
CA SER A 75 2.40 -6.51 -19.91
C SER A 75 1.53 -6.98 -21.10
N PRO A 76 1.12 -6.07 -22.01
CA PRO A 76 0.30 -6.54 -23.13
C PRO A 76 0.87 -7.85 -23.64
N ALA A 77 2.19 -7.87 -23.87
CA ALA A 77 2.92 -9.04 -24.37
C ALA A 77 2.51 -10.31 -23.68
N ALA A 78 2.36 -10.29 -22.37
CA ALA A 78 1.98 -11.51 -21.68
C ALA A 78 0.45 -11.77 -21.65
N LEU A 79 -0.35 -10.73 -21.90
CA LEU A 79 -1.81 -10.86 -21.88
C LEU A 79 -2.32 -11.52 -23.18
N MET A 80 -1.72 -11.10 -24.28
CA MET A 80 -2.07 -11.63 -25.60
C MET A 80 -1.67 -13.10 -25.71
N LYS A 81 -0.59 -13.50 -25.06
CA LYS A 81 -0.22 -14.91 -25.11
C LYS A 81 -1.27 -15.74 -24.38
N GLU A 82 -1.59 -15.41 -23.13
CA GLU A 82 -2.61 -16.17 -22.36
C GLU A 82 -4.03 -16.13 -22.98
N MET A 83 -4.44 -14.99 -23.52
CA MET A 83 -5.74 -14.91 -24.17
C MET A 83 -5.75 -15.87 -25.35
N LYS A 84 -4.84 -15.62 -26.29
CA LYS A 84 -4.71 -16.46 -27.47
C LYS A 84 -4.87 -17.94 -27.06
N GLU A 85 -4.24 -18.34 -25.96
CA GLU A 85 -4.35 -19.71 -25.44
C GLU A 85 -5.79 -20.14 -25.23
N LEU A 86 -6.45 -19.48 -24.28
CA LEU A 86 -7.82 -19.79 -23.92
C LEU A 86 -8.78 -19.58 -25.10
N GLU A 87 -8.59 -18.53 -25.88
CA GLU A 87 -9.45 -18.33 -27.02
C GLU A 87 -9.38 -19.61 -27.90
N ASP A 88 -8.17 -20.03 -28.24
CA ASP A 88 -7.96 -21.23 -29.03
C ASP A 88 -8.69 -22.39 -28.35
N ARG A 89 -8.51 -22.52 -27.03
CA ARG A 89 -9.18 -23.55 -26.23
C ARG A 89 -10.67 -23.25 -25.99
N GLY A 90 -11.24 -22.30 -26.76
CA GLY A 90 -12.64 -21.93 -26.65
C GLY A 90 -13.20 -21.25 -25.41
N ILE A 91 -12.62 -20.12 -25.02
CA ILE A 91 -13.06 -19.36 -23.83
C ILE A 91 -13.28 -17.89 -24.19
N PRO A 92 -14.50 -17.38 -24.01
CA PRO A 92 -14.82 -15.96 -24.33
C PRO A 92 -14.11 -14.90 -23.46
N VAL A 93 -12.79 -15.02 -23.32
CA VAL A 93 -11.95 -14.11 -22.51
C VAL A 93 -12.26 -12.59 -22.69
N ARG A 94 -12.52 -12.15 -23.90
CA ARG A 94 -12.82 -10.74 -24.10
C ARG A 94 -14.14 -10.36 -23.42
N GLU A 95 -15.11 -11.26 -23.39
CA GLU A 95 -16.40 -10.98 -22.74
C GLU A 95 -16.36 -11.37 -21.24
N ARG A 96 -15.20 -11.80 -20.74
CA ARG A 96 -15.11 -12.17 -19.33
C ARG A 96 -14.02 -11.37 -18.54
N LEU A 97 -13.12 -10.67 -19.25
CA LEU A 97 -12.05 -9.90 -18.57
C LEU A 97 -12.13 -8.36 -18.70
N LEU A 98 -11.74 -7.65 -17.62
CA LEU A 98 -11.75 -6.16 -17.50
C LEU A 98 -10.50 -5.64 -16.75
N LEU A 99 -9.81 -4.63 -17.29
CA LEU A 99 -8.65 -4.08 -16.56
C LEU A 99 -8.79 -2.58 -16.14
N SER A 100 -7.97 -2.18 -15.18
CA SER A 100 -7.95 -0.83 -14.68
C SER A 100 -7.25 0.09 -15.71
N GLU A 101 -7.58 1.38 -15.69
CA GLU A 101 -6.90 2.34 -16.56
C GLU A 101 -5.55 2.58 -15.91
N ALA A 102 -5.55 2.54 -14.57
CA ALA A 102 -4.41 2.82 -13.72
C ALA A 102 -3.35 1.78 -13.68
N CYS A 103 -3.47 0.70 -14.45
CA CYS A 103 -2.46 -0.33 -14.47
C CYS A 103 -1.18 0.21 -15.18
N PRO A 104 0.00 0.09 -14.53
CA PRO A 104 1.31 0.52 -15.04
C PRO A 104 1.70 -0.49 -16.07
N LEU A 105 2.32 -0.09 -17.18
CA LEU A 105 2.70 -1.04 -18.26
C LEU A 105 4.17 -1.39 -18.32
N ILE A 106 4.43 -2.70 -18.49
CA ILE A 106 5.77 -3.24 -18.65
C ILE A 106 5.97 -3.33 -20.16
N LEU A 107 7.07 -2.78 -20.64
CA LEU A 107 7.40 -2.80 -22.04
C LEU A 107 8.84 -3.35 -22.14
N ASP A 108 9.20 -3.92 -23.29
CA ASP A 108 10.54 -4.50 -23.54
C ASP A 108 11.71 -3.78 -22.85
N TYR A 109 11.73 -2.44 -22.89
CA TYR A 109 12.82 -1.73 -22.22
C TYR A 109 12.92 -2.04 -20.71
N HIS A 110 11.75 -2.36 -20.11
CA HIS A 110 11.62 -2.69 -18.69
C HIS A 110 12.24 -4.08 -18.39
N VAL A 111 12.12 -5.02 -19.35
CA VAL A 111 12.75 -6.36 -19.22
C VAL A 111 14.27 -6.18 -19.45
N ALA A 112 14.62 -5.35 -20.44
CA ALA A 112 16.01 -5.05 -20.74
C ALA A 112 16.73 -4.50 -19.52
N LEU A 113 16.17 -3.50 -18.85
CA LEU A 113 16.78 -2.93 -17.65
C LEU A 113 17.09 -4.03 -16.66
N ASP A 114 16.15 -4.96 -16.48
CA ASP A 114 16.32 -6.10 -15.55
C ASP A 114 17.40 -7.06 -16.06
N ASN A 115 17.24 -7.55 -17.29
CA ASN A 115 18.22 -8.45 -17.89
C ASN A 115 19.65 -7.90 -17.74
N ALA A 116 19.82 -6.63 -18.06
CA ALA A 116 21.10 -5.98 -17.99
C ALA A 116 21.56 -5.80 -16.55
N ARG A 117 20.61 -5.74 -15.61
CA ARG A 117 20.96 -5.54 -14.21
C ARG A 117 21.61 -6.73 -13.55
N GLU A 118 20.94 -7.88 -13.49
CA GLU A 118 21.55 -9.03 -12.83
C GLU A 118 22.87 -9.38 -13.52
N LYS A 119 22.85 -9.70 -14.82
CA LYS A 119 24.09 -10.02 -15.52
C LYS A 119 25.19 -9.19 -14.89
N ALA A 120 25.08 -7.89 -15.07
CA ALA A 120 26.04 -6.96 -14.55
C ALA A 120 26.20 -7.09 -13.04
N ARG A 121 25.35 -6.37 -12.30
CA ARG A 121 25.41 -6.36 -10.84
C ARG A 121 25.96 -7.67 -10.24
N GLY A 122 25.59 -8.80 -10.86
CA GLY A 122 26.02 -10.10 -10.39
C GLY A 122 25.00 -11.14 -10.83
N ALA A 123 25.38 -11.93 -11.83
CA ALA A 123 24.53 -12.96 -12.40
C ALA A 123 24.22 -14.13 -11.46
N LYS A 124 24.83 -14.16 -10.28
CA LYS A 124 24.58 -15.24 -9.35
C LYS A 124 23.79 -14.76 -8.13
N ALA A 125 23.76 -13.44 -7.93
CA ALA A 125 23.06 -12.86 -6.79
C ALA A 125 21.62 -12.46 -7.18
N ILE A 126 20.80 -12.14 -6.18
CA ILE A 126 19.43 -11.73 -6.47
C ILE A 126 19.49 -10.31 -7.02
N GLY A 127 19.86 -9.89 -8.62
CA GLY A 127 19.37 -8.70 -9.32
C GLY A 127 17.87 -8.79 -9.50
N THR A 128 17.42 -9.31 -10.64
CA THR A 128 16.00 -9.52 -10.78
C THR A 128 15.58 -10.37 -11.97
N THR A 129 16.50 -10.97 -12.69
CA THR A 129 16.02 -12.12 -13.44
C THR A 129 15.05 -11.90 -14.59
N GLY A 130 15.28 -10.96 -15.49
CA GLY A 130 14.35 -10.78 -16.59
C GLY A 130 13.07 -10.10 -16.12
N ARG A 131 11.57 -10.65 -16.36
CA ARG A 131 10.42 -9.73 -16.51
C ARG A 131 10.55 -8.44 -15.70
N GLY A 132 10.57 -7.32 -16.39
CA GLY A 132 10.73 -6.03 -15.73
C GLY A 132 9.71 -5.52 -14.74
N ILE A 133 9.24 -6.36 -13.83
CA ILE A 133 8.24 -5.93 -12.82
C ILE A 133 8.69 -4.77 -11.94
N GLY A 134 9.97 -4.79 -11.56
CA GLY A 134 10.54 -3.75 -10.72
C GLY A 134 10.61 -2.42 -11.43
N PRO A 135 11.15 -2.41 -12.66
CA PRO A 135 11.25 -1.17 -13.45
C PRO A 135 9.88 -0.52 -13.72
N ALA A 136 8.86 -1.37 -13.90
CA ALA A 136 7.48 -0.89 -14.12
C ALA A 136 6.98 -0.19 -12.89
N TYR A 137 7.32 -0.76 -11.72
CA TYR A 137 6.96 -0.22 -10.40
C TYR A 137 7.75 1.07 -10.16
N GLU A 138 9.07 1.00 -10.38
CA GLU A 138 9.93 2.17 -10.23
C GLU A 138 9.50 3.34 -11.13
N ASP A 139 9.23 3.08 -12.42
CA ASP A 139 8.79 4.18 -13.28
C ASP A 139 7.54 4.82 -12.82
N LYS A 140 6.69 4.01 -12.19
CA LYS A 140 5.42 4.48 -11.71
C LYS A 140 5.65 5.50 -10.63
N VAL A 141 6.29 5.06 -9.55
CA VAL A 141 6.61 5.89 -8.39
C VAL A 141 7.18 7.24 -8.81
N ALA A 142 8.12 7.18 -9.73
CA ALA A 142 8.83 8.36 -10.17
C ALA A 142 8.00 9.25 -11.04
N ARG A 143 6.88 8.74 -11.51
CA ARG A 143 6.00 9.54 -12.33
C ARG A 143 6.55 9.85 -13.71
N ARG A 144 6.99 8.79 -14.40
CA ARG A 144 7.49 8.81 -15.80
C ARG A 144 6.99 7.61 -16.62
N GLY A 145 6.36 6.64 -15.96
CA GLY A 145 5.87 5.45 -16.63
C GLY A 145 4.65 5.70 -17.47
N LEU A 146 3.99 4.67 -17.97
CA LEU A 146 2.76 4.85 -18.77
C LEU A 146 1.71 3.96 -18.25
N ARG A 147 0.44 4.26 -18.49
CA ARG A 147 -0.67 3.38 -18.04
C ARG A 147 -1.56 3.00 -19.24
N VAL A 148 -2.53 2.12 -18.96
CA VAL A 148 -3.48 1.72 -19.99
C VAL A 148 -4.25 2.96 -20.41
N GLY A 149 -4.46 3.86 -19.46
CA GLY A 149 -5.19 5.07 -19.75
C GLY A 149 -4.66 5.79 -20.98
N ASP A 150 -3.34 5.98 -21.01
CA ASP A 150 -2.65 6.67 -22.07
C ASP A 150 -2.97 6.18 -23.45
N LEU A 151 -3.23 4.88 -23.59
CA LEU A 151 -3.52 4.25 -24.90
C LEU A 151 -4.72 4.86 -25.58
N PHE A 152 -5.57 5.55 -24.83
CA PHE A 152 -6.76 6.15 -25.41
C PHE A 152 -6.34 7.25 -26.38
N ASP A 153 -5.37 8.07 -25.99
CA ASP A 153 -4.89 9.18 -26.80
C ASP A 153 -3.57 8.79 -27.50
N LYS A 154 -3.66 8.21 -28.70
CA LYS A 154 -2.48 7.76 -29.47
C LYS A 154 -1.44 8.85 -29.73
N GLU A 155 -1.89 10.01 -30.20
CA GLU A 155 -0.98 11.12 -30.42
C GLU A 155 -0.09 11.28 -29.16
N THR A 156 -0.73 11.47 -28.01
CA THR A 156 0.06 11.65 -26.82
C THR A 156 0.90 10.39 -26.48
N PHE A 157 0.32 9.19 -26.62
CA PHE A 157 1.06 7.96 -26.30
C PHE A 157 2.44 7.87 -26.97
N ALA A 158 2.50 8.24 -28.26
CA ALA A 158 3.74 8.20 -29.03
C ALA A 158 4.77 9.17 -28.47
N GLU A 159 4.36 10.39 -28.17
CA GLU A 159 5.33 11.34 -27.62
C GLU A 159 5.92 10.89 -26.23
N LYS A 160 5.08 10.48 -25.30
CA LYS A 160 5.50 10.03 -23.96
C LYS A 160 6.46 8.83 -24.04
N LEU A 161 6.10 7.86 -24.85
CA LEU A 161 6.97 6.71 -24.97
C LEU A 161 8.39 7.23 -25.25
N LYS A 162 8.54 8.12 -26.24
CA LYS A 162 9.86 8.66 -26.59
C LYS A 162 10.59 9.33 -25.44
N GLU A 163 9.86 10.08 -24.61
CA GLU A 163 10.49 10.74 -23.47
C GLU A 163 11.00 9.62 -22.55
N VAL A 164 10.16 8.67 -22.17
CA VAL A 164 10.61 7.56 -21.27
C VAL A 164 11.70 6.71 -21.91
N MET A 165 11.44 6.26 -23.13
CA MET A 165 12.36 5.43 -23.88
C MET A 165 13.78 6.01 -24.01
N GLU A 166 13.92 7.33 -24.16
CA GLU A 166 15.26 7.90 -24.28
C GLU A 166 16.03 7.84 -22.96
N TYR A 167 15.38 8.18 -21.83
CA TYR A 167 16.02 8.16 -20.50
C TYR A 167 16.55 6.78 -20.22
N HIS A 168 15.76 5.77 -20.61
CA HIS A 168 16.17 4.39 -20.40
C HIS A 168 17.22 3.93 -21.36
N ASN A 169 17.03 4.21 -22.64
CA ASN A 169 18.00 3.86 -23.64
C ASN A 169 19.39 4.43 -23.25
N PHE A 170 19.41 5.70 -22.81
CA PHE A 170 20.62 6.38 -22.37
C PHE A 170 21.35 5.57 -21.31
N GLN A 171 20.67 5.27 -20.20
CA GLN A 171 21.30 4.51 -19.14
C GLN A 171 21.64 3.08 -19.57
N LEU A 172 20.95 2.51 -20.56
CA LEU A 172 21.23 1.12 -20.98
C LEU A 172 22.57 1.07 -21.65
N VAL A 173 22.65 1.76 -22.77
CA VAL A 173 23.87 1.85 -23.57
C VAL A 173 25.02 2.48 -22.75
N ASN A 174 24.82 3.69 -22.24
CA ASN A 174 25.85 4.43 -21.48
C ASN A 174 26.28 3.84 -20.16
N TYR A 175 25.35 3.44 -19.32
CA TYR A 175 25.74 2.90 -18.04
C TYR A 175 26.11 1.42 -18.19
N TYR A 176 25.10 0.59 -18.47
CA TYR A 176 25.26 -0.84 -18.58
C TYR A 176 26.00 -1.36 -19.76
N LYS A 177 26.18 -0.58 -20.83
CA LYS A 177 26.86 -1.12 -22.02
C LYS A 177 26.07 -2.35 -22.51
N ALA A 178 24.86 -2.05 -22.95
CA ALA A 178 23.99 -3.05 -23.48
C ALA A 178 23.43 -2.43 -24.73
N GLU A 179 22.99 -3.25 -25.66
CA GLU A 179 22.40 -2.72 -26.88
C GLU A 179 21.13 -2.00 -26.44
N ALA A 180 20.74 -0.93 -27.13
CA ALA A 180 19.54 -0.14 -26.82
C ALA A 180 18.29 -0.83 -27.37
N VAL A 181 17.13 -0.25 -27.08
CA VAL A 181 15.82 -0.78 -27.46
C VAL A 181 15.14 0.17 -28.45
N ASP A 182 14.79 -0.33 -29.62
CA ASP A 182 14.20 0.49 -30.68
C ASP A 182 12.79 0.97 -30.41
N TYR A 183 12.70 2.25 -30.11
CA TYR A 183 11.44 2.89 -29.80
C TYR A 183 10.34 2.61 -30.83
N GLN A 184 10.70 2.53 -32.11
CA GLN A 184 9.71 2.30 -33.16
C GLN A 184 9.06 0.94 -33.05
N LYS A 185 9.83 -0.05 -32.59
CA LYS A 185 9.29 -1.41 -32.47
C LYS A 185 8.31 -1.54 -31.28
N VAL A 186 8.64 -0.90 -30.16
CA VAL A 186 7.79 -0.93 -28.99
C VAL A 186 6.51 -0.22 -29.41
N LEU A 187 6.68 0.89 -30.13
CA LEU A 187 5.52 1.63 -30.64
C LEU A 187 4.61 0.71 -31.51
N ASP A 188 5.16 0.17 -32.60
CA ASP A 188 4.42 -0.73 -33.48
C ASP A 188 3.66 -1.79 -32.68
N ASP A 189 4.41 -2.49 -31.82
CA ASP A 189 3.91 -3.52 -30.94
C ASP A 189 2.70 -3.09 -30.14
N THR A 190 2.84 -2.06 -29.30
CA THR A 190 1.69 -1.63 -28.50
C THR A 190 0.48 -1.13 -29.31
N MET A 191 0.71 -0.34 -30.35
CA MET A 191 -0.45 0.07 -31.14
C MET A 191 -1.25 -1.16 -31.65
N ALA A 192 -0.56 -2.19 -32.15
CA ALA A 192 -1.21 -3.36 -32.69
C ALA A 192 -2.25 -3.97 -31.74
N VAL A 193 -2.11 -3.72 -30.43
CA VAL A 193 -3.00 -4.31 -29.40
C VAL A 193 -3.81 -3.30 -28.60
N ALA A 194 -3.51 -2.03 -28.83
CA ALA A 194 -4.20 -0.93 -28.20
C ALA A 194 -5.70 -1.14 -27.96
N ASP A 195 -6.52 -1.06 -29.01
CA ASP A 195 -7.97 -1.14 -28.91
C ASP A 195 -8.51 -2.37 -28.19
N ILE A 196 -7.70 -3.41 -28.08
CA ILE A 196 -8.13 -4.60 -27.33
C ILE A 196 -8.17 -4.17 -25.87
N LEU A 197 -7.01 -3.78 -25.34
CA LEU A 197 -6.92 -3.33 -23.97
C LEU A 197 -7.96 -2.25 -23.74
N THR A 198 -7.80 -1.13 -24.41
CA THR A 198 -8.75 -0.05 -24.19
C THR A 198 -10.22 -0.52 -24.07
N SER A 199 -10.60 -1.56 -24.81
CA SER A 199 -11.97 -2.06 -24.78
C SER A 199 -12.33 -2.85 -23.55
N MET A 200 -11.34 -3.35 -22.81
CA MET A 200 -11.61 -4.09 -21.57
C MET A 200 -11.62 -3.20 -20.30
N VAL A 201 -11.29 -1.91 -20.52
CA VAL A 201 -11.17 -0.92 -19.45
C VAL A 201 -12.47 -0.59 -18.78
N VAL A 202 -12.43 -0.46 -17.45
CA VAL A 202 -13.63 -0.16 -16.68
C VAL A 202 -13.29 0.64 -15.38
N ASP A 203 -14.28 1.31 -14.77
CA ASP A 203 -13.99 2.01 -13.52
C ASP A 203 -14.09 1.02 -12.38
N VAL A 204 -12.96 0.38 -12.05
CA VAL A 204 -12.89 -0.68 -11.00
C VAL A 204 -13.32 -0.34 -9.58
N SER A 205 -12.76 0.70 -8.95
CA SER A 205 -13.19 0.96 -7.57
C SER A 205 -14.70 1.32 -7.44
N ASP A 206 -15.31 1.75 -8.55
CA ASP A 206 -16.74 2.13 -8.61
C ASP A 206 -17.58 0.88 -8.64
N LEU A 207 -17.23 0.03 -9.59
CA LEU A 207 -17.84 -1.28 -9.80
C LEU A 207 -17.70 -2.10 -8.52
N LEU A 208 -16.55 -1.99 -7.84
CA LEU A 208 -16.39 -2.71 -6.62
C LEU A 208 -17.34 -2.16 -5.54
N ASP A 209 -17.42 -0.85 -5.37
CA ASP A 209 -18.32 -0.32 -4.35
C ASP A 209 -19.73 -0.65 -4.75
N GLN A 210 -20.01 -0.43 -6.02
CA GLN A 210 -21.31 -0.80 -6.51
C GLN A 210 -21.52 -2.26 -6.16
N ALA A 211 -20.52 -3.14 -6.36
CA ALA A 211 -20.70 -4.58 -6.03
C ALA A 211 -21.01 -4.82 -4.56
N ARG A 212 -20.41 -4.02 -3.69
CA ARG A 212 -20.60 -4.14 -2.26
C ARG A 212 -21.98 -3.68 -1.88
N GLN A 213 -22.42 -2.63 -2.56
CA GLN A 213 -23.72 -2.07 -2.31
C GLN A 213 -24.80 -3.09 -2.48
N ARG A 214 -24.61 -4.03 -3.42
CA ARG A 214 -25.65 -5.02 -3.65
C ARG A 214 -25.38 -6.40 -3.13
N GLY A 215 -24.32 -6.59 -2.39
CA GLY A 215 -24.11 -7.93 -1.88
C GLY A 215 -23.54 -9.04 -2.77
N ASP A 216 -22.79 -8.68 -3.80
CA ASP A 216 -22.17 -9.67 -4.66
C ASP A 216 -20.95 -10.28 -3.95
N PHE A 217 -20.65 -11.56 -4.21
CA PHE A 217 -19.49 -12.23 -3.58
C PHE A 217 -18.20 -11.92 -4.35
N VAL A 218 -17.24 -11.31 -3.68
CA VAL A 218 -15.99 -10.94 -4.33
C VAL A 218 -14.85 -11.64 -3.63
N MET A 219 -13.88 -12.11 -4.41
CA MET A 219 -12.71 -12.77 -3.83
C MET A 219 -11.49 -12.10 -4.36
N PHE A 220 -10.62 -11.69 -3.45
CA PHE A 220 -9.37 -11.03 -3.83
C PHE A 220 -8.21 -12.03 -3.82
N GLU A 221 -7.47 -12.17 -4.93
CA GLU A 221 -6.38 -13.14 -4.86
C GLU A 221 -4.96 -12.59 -4.85
N GLY A 222 -4.20 -12.91 -3.83
CA GLY A 222 -2.83 -12.45 -3.82
C GLY A 222 -2.09 -13.53 -4.61
N ALA A 223 -1.01 -13.19 -5.32
CA ALA A 223 -0.29 -14.17 -6.11
C ALA A 223 0.87 -14.81 -5.39
N GLN A 224 1.63 -14.04 -4.60
CA GLN A 224 2.80 -14.59 -3.91
C GLN A 224 2.62 -14.68 -2.40
N GLY A 225 3.68 -15.10 -1.67
CA GLY A 225 3.62 -15.26 -0.22
C GLY A 225 3.90 -14.07 0.69
N THR A 226 3.26 -14.02 1.86
CA THR A 226 3.38 -12.92 2.82
C THR A 226 4.80 -12.58 3.28
N LEU A 227 5.59 -13.60 3.64
CA LEU A 227 6.95 -13.39 4.16
C LEU A 227 7.97 -12.88 3.21
N LEU A 228 7.51 -12.62 1.99
CA LEU A 228 8.34 -12.04 0.92
C LEU A 228 7.85 -10.59 0.61
N ASP A 229 6.91 -10.08 1.41
CA ASP A 229 6.39 -8.72 1.27
C ASP A 229 7.55 -7.69 1.32
N ILE A 230 7.80 -7.00 0.20
CA ILE A 230 8.86 -5.98 0.08
C ILE A 230 9.18 -5.20 1.38
N ASP A 231 8.15 -4.92 2.19
CA ASP A 231 8.40 -4.16 3.40
C ASP A 231 8.60 -5.02 4.63
N HIS A 232 7.48 -5.60 5.04
CA HIS A 232 7.42 -6.38 6.24
C HIS A 232 8.14 -7.74 6.25
N GLY A 233 8.47 -8.33 5.09
CA GLY A 233 9.14 -9.65 5.08
C GLY A 233 10.57 -9.85 5.63
N THR A 234 11.14 -11.06 5.42
CA THR A 234 12.51 -11.36 5.84
C THR A 234 13.49 -10.66 4.87
N TYR A 235 13.57 -9.33 4.96
CA TYR A 235 14.46 -8.50 4.12
C TYR A 235 15.91 -8.83 4.42
N PRO A 236 16.81 -8.70 3.44
CA PRO A 236 16.64 -8.27 2.06
C PRO A 236 16.15 -9.36 1.07
N TYR A 237 15.98 -10.60 1.53
CA TYR A 237 15.54 -11.63 0.62
C TYR A 237 14.03 -11.52 0.41
N VAL A 238 13.63 -10.55 -0.42
CA VAL A 238 12.21 -10.30 -0.67
C VAL A 238 11.87 -10.16 -2.17
N THR A 239 10.58 -10.09 -2.47
CA THR A 239 10.04 -9.95 -3.81
C THR A 239 9.69 -8.45 -4.09
N SER A 240 9.41 -8.13 -5.38
CA SER A 240 9.12 -6.76 -5.92
C SER A 240 7.90 -6.03 -5.38
N SER A 241 6.96 -6.74 -4.80
CA SER A 241 5.77 -6.08 -4.37
C SER A 241 5.47 -6.33 -2.90
N ASN A 242 4.30 -5.84 -2.48
CA ASN A 242 3.79 -6.09 -1.15
C ASN A 242 2.97 -7.35 -1.33
N THR A 243 3.12 -8.31 -0.44
CA THR A 243 2.38 -9.55 -0.61
C THR A 243 1.34 -9.82 0.47
N THR A 244 0.92 -8.78 1.20
CA THR A 244 -0.02 -8.96 2.30
C THR A 244 -1.41 -8.35 2.03
N ALA A 245 -2.39 -8.77 2.85
CA ALA A 245 -3.78 -8.31 2.75
C ALA A 245 -3.93 -6.79 2.68
N GLY A 246 -3.03 -6.07 3.34
CA GLY A 246 -3.12 -4.63 3.33
C GLY A 246 -2.96 -4.03 1.96
N GLY A 247 -2.38 -4.76 1.02
CA GLY A 247 -2.27 -4.16 -0.30
C GLY A 247 -3.58 -4.13 -1.10
N VAL A 248 -4.69 -4.64 -0.55
CA VAL A 248 -5.99 -4.75 -1.26
C VAL A 248 -6.71 -3.42 -1.56
N ALA A 249 -6.69 -2.49 -0.60
CA ALA A 249 -7.29 -1.19 -0.76
C ALA A 249 -6.47 -0.45 -1.80
N THR A 250 -5.16 -0.47 -1.64
CA THR A 250 -4.31 0.20 -2.61
C THR A 250 -4.51 -0.43 -3.98
N GLY A 251 -4.47 -1.76 -4.03
CA GLY A 251 -4.59 -2.52 -5.27
C GLY A 251 -5.85 -2.51 -6.12
N SER A 252 -7.01 -2.28 -5.52
CA SER A 252 -8.26 -2.28 -6.26
C SER A 252 -9.05 -0.99 -6.10
N GLY A 253 -8.85 -0.32 -4.96
CA GLY A 253 -9.55 0.90 -4.68
C GLY A 253 -10.77 0.68 -3.80
N LEU A 254 -10.76 -0.39 -3.02
CA LEU A 254 -11.86 -0.62 -2.11
C LEU A 254 -11.40 -0.11 -0.73
N GLY A 255 -12.33 0.28 0.17
CA GLY A 255 -11.89 0.74 1.48
C GLY A 255 -11.27 -0.31 2.40
N PRO A 256 -10.50 0.09 3.45
CA PRO A 256 -9.91 -0.91 4.34
C PRO A 256 -11.00 -1.72 5.04
N ARG A 257 -12.02 -0.99 5.47
CA ARG A 257 -13.15 -1.51 6.23
C ARG A 257 -14.08 -2.52 5.51
N TYR A 258 -14.05 -2.60 4.18
CA TYR A 258 -14.93 -3.56 3.51
C TYR A 258 -14.20 -4.89 3.29
N VAL A 259 -13.05 -5.05 3.94
CA VAL A 259 -12.34 -6.33 3.88
C VAL A 259 -13.03 -7.13 4.98
N ASP A 260 -13.88 -8.08 4.58
CA ASP A 260 -14.62 -8.87 5.56
C ASP A 260 -13.87 -10.07 6.11
N TYR A 261 -13.33 -10.89 5.22
CA TYR A 261 -12.66 -12.09 5.62
C TYR A 261 -11.33 -12.23 4.92
N VAL A 262 -10.33 -12.76 5.63
CA VAL A 262 -8.97 -12.95 5.06
C VAL A 262 -8.49 -14.37 5.28
N LEU A 263 -8.52 -15.18 4.22
CA LEU A 263 -8.12 -16.58 4.33
C LEU A 263 -6.63 -16.77 4.09
N GLY A 264 -5.90 -17.28 5.08
CA GLY A 264 -4.51 -17.50 4.85
C GLY A 264 -4.26 -18.97 4.63
N ILE A 265 -3.76 -19.32 3.44
CA ILE A 265 -3.46 -20.72 3.08
C ILE A 265 -2.31 -21.25 3.93
N LEU A 266 -2.38 -22.52 4.31
CA LEU A 266 -1.30 -23.00 5.17
C LEU A 266 -0.81 -24.42 4.96
N LYS A 267 0.45 -24.52 4.50
CA LYS A 267 1.07 -25.84 4.34
C LYS A 267 1.47 -26.34 5.75
N ALA A 268 1.25 -27.66 5.93
CA ALA A 268 1.52 -28.39 7.18
C ALA A 268 2.97 -28.46 7.55
N TYR A 269 3.82 -28.12 6.60
CA TYR A 269 5.29 -28.11 6.78
C TYR A 269 5.79 -26.97 5.91
N SER A 270 7.06 -26.61 6.06
CA SER A 270 7.54 -25.47 5.32
C SER A 270 8.55 -25.74 4.23
N THR A 271 8.59 -24.83 3.25
CA THR A 271 9.54 -24.86 2.14
C THR A 271 9.95 -23.46 1.73
N ARG A 272 11.19 -23.31 1.30
CA ARG A 272 11.69 -22.04 0.82
C ARG A 272 12.55 -22.31 -0.44
N VAL A 273 12.68 -21.32 -1.33
CA VAL A 273 13.58 -21.43 -2.50
C VAL A 273 14.58 -20.27 -2.48
N GLY A 274 15.77 -20.51 -3.03
CA GLY A 274 16.78 -19.47 -3.03
C GLY A 274 17.20 -19.23 -1.60
N ALA A 275 18.26 -18.46 -1.41
CA ALA A 275 18.77 -18.17 -0.10
C ALA A 275 17.73 -17.40 0.66
N GLY A 276 18.06 -17.08 1.91
CA GLY A 276 17.17 -16.33 2.79
C GLY A 276 17.04 -17.12 4.07
N PRO A 277 16.72 -16.45 5.19
CA PRO A 277 16.54 -17.09 6.51
C PRO A 277 15.44 -18.17 6.48
N PHE A 278 15.70 -19.28 7.17
CA PHE A 278 14.82 -20.45 7.25
C PHE A 278 15.18 -21.22 8.56
N PRO A 279 14.76 -20.69 9.74
CA PRO A 279 15.01 -21.25 11.07
C PRO A 279 14.75 -22.73 11.35
N THR A 280 13.80 -23.34 10.67
CA THR A 280 13.50 -24.75 10.94
C THR A 280 13.84 -25.70 9.81
N GLU A 281 14.77 -25.31 8.93
CA GLU A 281 15.12 -26.18 7.80
C GLU A 281 15.70 -27.46 8.31
N LEU A 282 15.47 -28.53 7.55
CA LEU A 282 16.04 -29.80 7.93
C LEU A 282 17.20 -30.07 7.00
N PHE A 283 18.26 -30.61 7.58
CA PHE A 283 19.46 -30.90 6.84
C PHE A 283 19.60 -32.33 6.31
N ASP A 284 19.15 -33.34 7.05
CA ASP A 284 19.33 -34.66 6.45
C ASP A 284 18.07 -35.45 6.03
N GLU A 285 17.74 -36.56 6.70
CA GLU A 285 16.60 -37.43 6.28
C GLU A 285 15.11 -36.98 6.40
N THR A 286 14.62 -36.55 7.57
CA THR A 286 13.21 -36.08 7.61
C THR A 286 13.05 -35.02 6.51
N GLY A 287 14.11 -34.22 6.33
CA GLY A 287 14.09 -33.19 5.33
C GLY A 287 13.82 -33.80 3.98
N GLU A 288 14.55 -34.88 3.68
CA GLU A 288 14.40 -35.60 2.41
C GLU A 288 12.98 -36.09 2.25
N PHE A 289 12.50 -36.73 3.31
CA PHE A 289 11.13 -37.22 3.39
C PHE A 289 10.10 -36.14 2.99
N LEU A 290 10.04 -35.07 3.80
CA LEU A 290 9.10 -33.97 3.57
C LEU A 290 9.12 -33.44 2.14
N CYS A 291 10.19 -33.75 1.42
CA CYS A 291 10.34 -33.33 0.04
C CYS A 291 9.81 -34.40 -0.92
N LYS A 292 10.32 -35.61 -0.75
CA LYS A 292 10.00 -36.79 -1.56
C LYS A 292 8.51 -37.11 -1.50
N GLN A 293 7.94 -36.97 -0.30
CA GLN A 293 6.53 -37.23 -0.02
C GLN A 293 5.59 -36.08 -0.44
N GLY A 294 6.15 -34.89 -0.70
CA GLY A 294 5.32 -33.74 -1.06
C GLY A 294 5.49 -33.11 -2.44
N ASN A 295 6.39 -33.66 -3.26
CA ASN A 295 6.62 -33.14 -4.61
C ASN A 295 7.35 -31.80 -4.56
N GLU A 296 8.37 -31.75 -3.72
CA GLU A 296 9.15 -30.55 -3.54
C GLU A 296 10.40 -30.47 -4.43
N PHE A 297 10.18 -30.25 -5.72
CA PHE A 297 11.28 -30.11 -6.66
C PHE A 297 10.95 -29.35 -7.95
N GLY A 298 11.94 -28.63 -8.47
CA GLY A 298 11.80 -27.88 -9.72
C GLY A 298 10.65 -26.90 -9.87
N ALA A 299 9.83 -27.15 -10.90
CA ALA A 299 8.67 -26.34 -11.23
C ALA A 299 9.04 -25.06 -12.01
N THR A 300 10.33 -24.90 -12.30
CA THR A 300 10.86 -23.75 -13.04
C THR A 300 12.35 -23.58 -12.76
N THR A 301 13.13 -24.56 -13.22
CA THR A 301 14.58 -24.54 -12.99
C THR A 301 14.89 -24.51 -11.49
N GLY A 302 13.88 -24.83 -10.68
CA GLY A 302 14.05 -24.84 -9.25
C GLY A 302 14.97 -25.95 -8.80
N ARG A 303 16.27 -25.76 -9.00
CA ARG A 303 17.30 -26.74 -8.62
C ARG A 303 16.79 -27.66 -7.51
N ARG A 304 16.28 -27.05 -6.44
CA ARG A 304 15.76 -27.81 -5.31
C ARG A 304 15.13 -26.88 -4.30
N ARG A 305 14.08 -27.36 -3.62
CA ARG A 305 13.36 -26.58 -2.63
C ARG A 305 13.67 -27.07 -1.19
N ARG A 306 14.14 -26.17 -0.34
CA ARG A 306 14.50 -26.53 1.02
C ARG A 306 13.22 -26.87 1.81
N THR A 307 13.34 -27.65 2.90
CA THR A 307 12.19 -28.01 3.74
C THR A 307 12.58 -28.04 5.23
N GLY A 308 11.58 -27.85 6.10
CA GLY A 308 11.75 -27.87 7.55
C GLY A 308 10.41 -27.83 8.29
N TRP A 309 10.42 -27.93 9.62
CA TRP A 309 9.17 -27.92 10.37
C TRP A 309 8.42 -26.57 10.34
N LEU A 310 7.11 -26.66 10.60
CA LEU A 310 6.17 -25.53 10.65
C LEU A 310 6.66 -24.60 11.74
N ASP A 311 7.06 -23.39 11.35
CA ASP A 311 7.51 -22.40 12.32
C ASP A 311 6.35 -21.56 12.79
N THR A 312 5.84 -21.81 13.98
CA THR A 312 4.72 -21.03 14.50
C THR A 312 5.07 -19.52 14.71
N VAL A 313 6.30 -19.22 15.17
CA VAL A 313 6.74 -17.83 15.40
C VAL A 313 6.57 -16.90 14.17
N ALA A 314 6.86 -17.40 12.96
CA ALA A 314 6.70 -16.56 11.78
C ALA A 314 5.23 -16.59 11.33
N VAL A 315 4.55 -17.73 11.43
CA VAL A 315 3.13 -17.77 11.05
C VAL A 315 2.38 -16.68 11.82
N ARG A 316 2.72 -16.55 13.10
CA ARG A 316 2.14 -15.53 13.97
C ARG A 316 2.36 -14.10 13.39
N ARG A 317 3.57 -13.85 12.91
CA ARG A 317 3.90 -12.57 12.26
C ARG A 317 2.82 -12.37 11.15
N ALA A 318 2.65 -13.36 10.26
CA ALA A 318 1.65 -13.31 9.17
C ALA A 318 0.21 -13.06 9.65
N VAL A 319 -0.13 -13.71 10.76
CA VAL A 319 -1.43 -13.51 11.39
C VAL A 319 -1.65 -12.02 11.66
N GLN A 320 -0.61 -11.36 12.18
CA GLN A 320 -0.73 -9.94 12.49
C GLN A 320 -0.64 -9.02 11.29
N LEU A 321 0.21 -9.34 10.31
CA LEU A 321 0.28 -8.46 9.16
C LEU A 321 -1.03 -8.43 8.37
N ASN A 322 -1.74 -9.56 8.36
CA ASN A 322 -2.98 -9.70 7.57
C ASN A 322 -4.28 -9.65 8.36
N SER A 323 -4.20 -9.70 9.69
CA SER A 323 -5.41 -9.74 10.51
C SER A 323 -6.20 -10.87 9.93
N LEU A 324 -5.54 -12.02 9.93
CA LEU A 324 -6.12 -13.22 9.36
C LEU A 324 -7.36 -13.60 10.08
N SER A 325 -8.37 -14.02 9.33
CA SER A 325 -9.62 -14.43 9.89
C SER A 325 -9.61 -15.92 10.20
N GLY A 326 -8.97 -16.71 9.31
CA GLY A 326 -8.91 -18.15 9.53
C GLY A 326 -7.93 -18.84 8.62
N PHE A 327 -7.64 -20.12 8.82
CA PHE A 327 -6.67 -20.84 7.96
C PHE A 327 -7.27 -21.88 7.00
N CYS A 328 -6.39 -22.39 6.15
CA CYS A 328 -6.67 -23.44 5.20
C CYS A 328 -5.41 -24.28 5.19
N LEU A 329 -5.37 -25.32 6.03
CA LEU A 329 -4.22 -26.17 6.16
C LEU A 329 -4.12 -27.17 5.00
N THR A 330 -2.95 -27.24 4.36
CA THR A 330 -2.69 -28.11 3.21
C THR A 330 -1.63 -29.22 3.41
N LYS A 331 -1.79 -30.30 2.63
CA LYS A 331 -0.87 -31.42 2.67
C LYS A 331 -0.63 -32.05 4.06
N LEU A 332 -1.68 -32.33 4.82
CA LEU A 332 -1.45 -32.99 6.09
C LEU A 332 -1.09 -34.45 5.78
N ASP A 333 -1.41 -34.88 4.56
CA ASP A 333 -1.12 -36.25 4.10
C ASP A 333 0.37 -36.57 4.13
N VAL A 334 1.18 -35.65 3.66
CA VAL A 334 2.61 -35.85 3.66
C VAL A 334 3.08 -36.29 5.07
N LEU A 335 2.35 -35.88 6.09
CA LEU A 335 2.82 -36.20 7.41
C LEU A 335 2.58 -37.62 7.84
N ASP A 336 1.74 -38.37 7.12
CA ASP A 336 1.42 -39.75 7.51
C ASP A 336 2.67 -40.65 7.53
N GLY A 337 2.57 -41.80 8.19
CA GLY A 337 3.71 -42.68 8.22
C GLY A 337 4.92 -41.87 8.68
N LEU A 338 4.76 -41.17 9.79
CA LEU A 338 5.83 -40.37 10.39
C LEU A 338 5.94 -40.68 11.89
N LYS A 339 7.14 -40.83 12.39
CA LYS A 339 7.23 -41.14 13.79
C LYS A 339 6.59 -40.07 14.60
N GLU A 340 6.85 -38.82 14.27
CA GLU A 340 6.28 -37.71 15.06
C GLU A 340 6.33 -36.38 14.25
N VAL A 341 5.83 -35.30 14.86
CA VAL A 341 5.84 -34.00 14.21
C VAL A 341 6.19 -32.92 15.24
N LYS A 342 7.11 -32.04 14.85
CA LYS A 342 7.54 -30.97 15.72
C LYS A 342 6.91 -29.67 15.24
N LEU A 343 6.65 -28.77 16.18
CA LEU A 343 6.12 -27.47 15.89
C LEU A 343 7.00 -26.50 16.58
N CYS A 344 7.56 -25.56 15.84
CA CYS A 344 8.44 -24.57 16.45
C CYS A 344 7.60 -23.55 17.26
N VAL A 345 7.91 -23.36 18.54
CA VAL A 345 7.12 -22.41 19.36
C VAL A 345 7.91 -21.21 19.98
N ALA A 346 9.07 -20.84 19.43
CA ALA A 346 9.86 -19.73 19.98
C ALA A 346 11.31 -19.77 19.48
N TYR A 347 12.04 -18.68 19.55
CA TYR A 347 13.41 -18.79 19.11
C TYR A 347 14.39 -18.58 20.25
N ARG A 348 15.62 -18.98 19.98
CA ARG A 348 16.72 -18.76 20.88
C ARG A 348 17.61 -17.83 20.10
N MET A 349 17.96 -16.69 20.64
CA MET A 349 18.80 -15.74 19.89
C MET A 349 20.30 -16.00 20.03
N PRO A 350 21.11 -15.24 19.27
CA PRO A 350 22.55 -15.49 19.40
C PRO A 350 23.11 -14.97 20.70
N ASP A 351 22.40 -14.06 21.36
CA ASP A 351 22.86 -13.51 22.64
C ASP A 351 22.39 -14.35 23.80
N GLY A 352 21.65 -15.43 23.52
CA GLY A 352 21.14 -16.26 24.60
C GLY A 352 19.72 -15.99 25.07
N ARG A 353 18.99 -15.06 24.47
CA ARG A 353 17.60 -14.82 24.91
C ARG A 353 16.58 -15.75 24.19
N GLU A 354 15.41 -15.95 24.79
CA GLU A 354 14.33 -16.77 24.23
C GLU A 354 13.17 -15.83 23.87
N VAL A 355 12.92 -15.61 22.59
CA VAL A 355 11.92 -14.65 22.12
C VAL A 355 10.80 -15.21 21.20
N THR A 356 9.55 -14.86 21.52
CA THR A 356 8.35 -15.33 20.79
C THR A 356 7.89 -14.46 19.58
N THR A 357 8.69 -13.50 19.18
CA THR A 357 8.37 -12.63 18.04
C THR A 357 9.49 -12.63 17.02
N THR A 358 9.12 -12.69 15.73
CA THR A 358 10.09 -12.67 14.64
C THR A 358 11.13 -11.57 14.86
N PRO A 359 12.43 -11.91 14.79
CA PRO A 359 13.47 -10.89 14.99
C PRO A 359 13.42 -9.85 13.88
N LEU A 360 13.80 -8.62 14.21
CA LEU A 360 13.79 -7.54 13.24
C LEU A 360 14.65 -7.92 12.04
N ALA A 361 14.27 -7.54 10.84
CA ALA A 361 15.13 -7.82 9.69
C ALA A 361 16.33 -6.88 9.85
N ALA A 362 17.09 -7.14 10.91
CA ALA A 362 18.29 -6.39 11.26
C ALA A 362 19.09 -7.15 12.34
N ASP A 363 18.60 -8.35 12.69
CA ASP A 363 19.25 -9.23 13.66
C ASP A 363 19.52 -10.57 12.97
N ASP A 364 20.58 -11.25 13.35
CA ASP A 364 20.92 -12.49 12.68
C ASP A 364 19.96 -13.64 12.89
N TRP A 365 19.26 -13.96 11.81
CA TRP A 365 18.34 -15.07 11.78
C TRP A 365 19.17 -16.34 11.72
N LYS A 366 20.33 -16.24 11.07
CA LYS A 366 21.24 -17.38 10.96
C LYS A 366 21.66 -17.83 12.37
N GLY A 367 21.49 -16.94 13.34
CA GLY A 367 21.83 -17.28 14.70
C GLY A 367 20.69 -17.94 15.45
N VAL A 368 19.45 -17.54 15.17
CA VAL A 368 18.34 -18.09 15.91
C VAL A 368 18.17 -19.61 15.78
N GLU A 369 18.06 -20.29 16.92
CA GLU A 369 17.79 -21.71 16.92
C GLU A 369 16.40 -21.95 17.55
N PRO A 370 15.54 -22.68 16.83
CA PRO A 370 14.16 -23.06 17.15
C PRO A 370 13.91 -23.96 18.34
N ILE A 371 13.05 -23.52 19.26
CA ILE A 371 12.67 -24.34 20.40
C ILE A 371 11.48 -25.17 19.96
N TYR A 372 11.72 -26.42 19.61
CA TYR A 372 10.68 -27.31 19.10
C TYR A 372 9.85 -27.94 20.21
N GLU A 373 8.57 -28.13 19.89
CA GLU A 373 7.62 -28.80 20.75
C GLU A 373 7.30 -30.08 19.93
N THR A 374 7.71 -31.25 20.43
CA THR A 374 7.47 -32.52 19.71
C THR A 374 6.07 -33.11 20.00
N MET A 375 5.50 -33.81 19.01
CA MET A 375 4.17 -34.45 19.12
C MET A 375 4.12 -35.77 18.36
N PRO A 376 3.43 -36.79 18.93
CA PRO A 376 3.24 -38.14 18.38
C PRO A 376 2.80 -38.14 16.92
N GLY A 377 3.27 -39.10 16.14
CA GLY A 377 2.88 -39.15 14.74
C GLY A 377 1.63 -39.98 14.41
N TRP A 378 1.39 -40.16 13.12
CA TRP A 378 0.26 -40.94 12.65
C TRP A 378 0.57 -41.64 11.34
N SER A 379 0.40 -42.98 11.36
CA SER A 379 0.65 -43.86 10.21
C SER A 379 -0.57 -43.97 9.28
N GLU A 380 -1.75 -43.69 9.80
CA GLU A 380 -2.96 -43.76 9.01
C GLU A 380 -2.86 -42.84 7.80
N SER A 381 -3.58 -43.19 6.74
CA SER A 381 -3.53 -42.36 5.55
C SER A 381 -4.62 -41.31 5.60
N THR A 382 -4.21 -40.05 5.58
CA THR A 382 -5.14 -38.94 5.60
C THR A 382 -5.50 -38.55 4.18
N PHE A 383 -4.62 -38.91 3.24
CA PHE A 383 -4.80 -38.62 1.82
C PHE A 383 -6.19 -39.04 1.36
N GLY A 384 -6.96 -38.10 0.83
CA GLY A 384 -8.30 -38.41 0.34
C GLY A 384 -9.46 -38.21 1.28
N VAL A 385 -9.21 -38.32 2.59
CA VAL A 385 -10.23 -38.17 3.64
C VAL A 385 -11.17 -36.98 3.33
N LYS A 386 -12.48 -37.21 3.40
CA LYS A 386 -13.45 -36.17 3.09
C LYS A 386 -14.41 -35.78 4.21
N ASP A 387 -13.94 -35.92 5.44
CA ASP A 387 -14.68 -35.62 6.67
C ASP A 387 -13.64 -35.70 7.79
N ARG A 388 -13.90 -35.14 8.96
CA ARG A 388 -12.86 -35.24 9.99
C ARG A 388 -12.99 -36.50 10.83
N SER A 389 -14.14 -37.15 10.72
CA SER A 389 -14.38 -38.39 11.43
C SER A 389 -13.26 -39.43 11.15
N GLY A 390 -12.64 -39.29 9.98
CA GLY A 390 -11.56 -40.21 9.57
C GLY A 390 -10.19 -39.68 9.89
N LEU A 391 -10.12 -38.48 10.44
CA LEU A 391 -8.84 -37.91 10.82
C LEU A 391 -8.47 -38.56 12.16
N PRO A 392 -7.24 -39.03 12.30
CA PRO A 392 -6.92 -39.65 13.60
C PRO A 392 -6.88 -38.64 14.74
N GLN A 393 -6.82 -39.15 15.97
CA GLN A 393 -6.73 -38.32 17.19
C GLN A 393 -5.47 -37.45 17.17
N ALA A 394 -4.39 -38.03 16.66
CA ALA A 394 -3.11 -37.35 16.56
C ALA A 394 -3.18 -36.25 15.52
N ALA A 395 -3.89 -36.50 14.41
CA ALA A 395 -4.04 -35.46 13.39
C ALA A 395 -4.79 -34.26 14.00
N LEU A 396 -5.91 -34.53 14.67
CA LEU A 396 -6.69 -33.47 15.31
C LEU A 396 -5.90 -32.85 16.45
N ASN A 397 -4.94 -33.56 16.97
CA ASN A 397 -4.18 -32.96 18.04
C ASN A 397 -3.15 -31.98 17.52
N TYR A 398 -2.61 -32.25 16.34
CA TYR A 398 -1.65 -31.36 15.73
C TYR A 398 -2.37 -30.05 15.37
N ILE A 399 -3.60 -30.17 14.91
CA ILE A 399 -4.39 -29.00 14.52
C ILE A 399 -4.57 -28.02 15.66
N LYS A 400 -5.06 -28.56 16.76
CA LYS A 400 -5.34 -27.74 17.91
C LYS A 400 -4.15 -26.92 18.39
N ARG A 401 -2.95 -27.51 18.46
CA ARG A 401 -1.79 -26.71 18.89
C ARG A 401 -1.55 -25.57 17.88
N ILE A 402 -1.54 -25.88 16.58
CA ILE A 402 -1.41 -24.82 15.59
C ILE A 402 -2.48 -23.75 15.90
N GLU A 403 -3.71 -24.18 16.24
CA GLU A 403 -4.77 -23.21 16.60
C GLU A 403 -4.49 -22.50 17.93
N GLU A 404 -4.16 -23.28 18.95
CA GLU A 404 -3.83 -22.74 20.28
C GLU A 404 -2.63 -21.78 20.26
N LEU A 405 -1.66 -22.07 19.38
CA LEU A 405 -0.41 -21.32 19.25
C LEU A 405 -0.50 -20.06 18.41
N THR A 406 -1.25 -20.13 17.31
CA THR A 406 -1.40 -19.02 16.41
C THR A 406 -2.52 -18.08 16.82
N GLY A 407 -3.55 -18.61 17.47
CA GLY A 407 -4.65 -17.77 17.86
C GLY A 407 -5.54 -17.42 16.67
N VAL A 408 -5.79 -18.40 15.80
CA VAL A 408 -6.63 -18.29 14.62
C VAL A 408 -7.00 -19.74 14.31
N PRO A 409 -8.24 -20.04 13.92
CA PRO A 409 -8.57 -21.43 13.62
C PRO A 409 -8.41 -21.85 12.17
N ILE A 410 -8.63 -23.15 11.92
CA ILE A 410 -8.53 -23.74 10.60
C ILE A 410 -9.96 -24.12 10.09
N ASP A 411 -10.46 -23.35 9.13
CA ASP A 411 -11.81 -23.54 8.57
C ASP A 411 -11.80 -24.52 7.41
N ILE A 412 -10.75 -24.52 6.60
CA ILE A 412 -10.65 -25.49 5.50
C ILE A 412 -9.41 -26.38 5.73
N ILE A 413 -9.60 -27.69 5.64
CA ILE A 413 -8.53 -28.67 5.78
C ILE A 413 -8.43 -29.37 4.42
N SER A 414 -7.22 -29.48 3.88
CA SER A 414 -7.06 -30.17 2.60
C SER A 414 -6.33 -31.47 2.76
N THR A 415 -6.91 -32.50 2.12
CA THR A 415 -6.38 -33.87 2.25
C THR A 415 -5.89 -34.50 0.95
N GLY A 416 -5.65 -33.70 -0.09
CA GLY A 416 -5.15 -34.26 -1.33
C GLY A 416 -5.12 -33.22 -2.41
N PRO A 417 -4.37 -33.43 -3.49
CA PRO A 417 -4.34 -32.43 -4.56
C PRO A 417 -5.64 -32.32 -5.37
N ASP A 418 -6.63 -33.14 -5.04
CA ASP A 418 -7.88 -33.09 -5.79
C ASP A 418 -8.98 -32.37 -5.04
N ARG A 419 -9.81 -31.64 -5.80
CA ARG A 419 -10.95 -30.86 -5.31
C ARG A 419 -11.67 -31.58 -4.18
N THR A 420 -12.19 -32.76 -4.49
CA THR A 420 -12.92 -33.60 -3.51
C THR A 420 -12.18 -33.77 -2.17
N GLU A 421 -10.85 -33.79 -2.20
CA GLU A 421 -10.03 -33.96 -1.00
C GLU A 421 -10.01 -32.70 -0.08
N THR A 422 -11.19 -32.23 0.34
CA THR A 422 -11.27 -31.01 1.17
C THR A 422 -12.36 -31.08 2.24
N MET A 423 -12.12 -30.43 3.39
CA MET A 423 -13.08 -30.39 4.49
C MET A 423 -13.48 -28.97 4.88
N ILE A 424 -14.58 -28.46 4.33
CA ILE A 424 -14.99 -27.10 4.66
C ILE A 424 -15.79 -26.96 5.96
N LEU A 425 -15.05 -26.70 7.05
CA LEU A 425 -15.60 -26.53 8.39
C LEU A 425 -16.36 -25.21 8.52
N ARG A 426 -15.97 -24.22 7.71
CA ARG A 426 -16.68 -22.94 7.77
C ARG A 426 -17.00 -22.34 6.36
N ASP A 427 -16.00 -22.05 5.53
CA ASP A 427 -16.29 -21.38 4.22
C ASP A 427 -16.36 -19.85 4.47
N PRO A 428 -15.38 -19.11 3.92
CA PRO A 428 -15.26 -17.67 4.02
C PRO A 428 -16.52 -16.91 3.66
N PHE A 429 -17.16 -17.29 2.55
CA PHE A 429 -18.34 -16.58 2.06
C PHE A 429 -19.62 -16.57 2.94
N ASP A 430 -19.77 -17.47 3.92
CA ASP A 430 -20.98 -17.47 4.79
C ASP A 430 -20.71 -16.89 6.18
N ALA A 431 -19.45 -16.78 6.51
CA ALA A 431 -18.97 -16.26 7.81
C ALA A 431 -19.11 -14.77 7.87
N GLY B 1 -14.81 3.64 18.13
CA GLY B 1 -13.67 2.85 17.63
C GLY B 1 -12.56 2.67 18.67
N ASN B 2 -11.32 2.61 18.21
CA ASN B 2 -10.18 2.41 19.09
C ASN B 2 -8.88 2.55 18.29
N ASN B 3 -8.98 2.22 17.00
CA ASN B 3 -7.88 2.43 16.02
C ASN B 3 -8.51 3.43 15.06
N VAL B 4 -8.16 4.68 15.28
CA VAL B 4 -8.69 5.82 14.52
C VAL B 4 -7.71 6.29 13.44
N VAL B 5 -8.22 6.58 12.24
CA VAL B 5 -7.40 7.10 11.14
C VAL B 5 -7.91 8.49 10.75
N VAL B 6 -7.07 9.51 10.74
CA VAL B 6 -7.51 10.88 10.41
C VAL B 6 -6.87 11.42 9.13
N LEU B 7 -7.65 11.93 8.16
CA LEU B 7 -7.04 12.41 6.90
C LEU B 7 -7.82 13.34 5.94
N GLY B 8 -7.10 14.07 5.09
CA GLY B 8 -7.72 14.99 4.15
C GLY B 8 -8.51 14.36 2.99
N THR B 9 -9.77 14.77 2.82
CA THR B 9 -10.66 14.21 1.81
C THR B 9 -10.56 14.99 0.52
N GLN B 10 -9.77 16.05 0.54
CA GLN B 10 -9.69 16.83 -0.68
C GLN B 10 -8.25 16.89 -1.16
N TRP B 11 -7.78 18.08 -1.57
CA TRP B 11 -6.43 18.21 -2.10
C TRP B 11 -5.42 18.76 -1.11
N GLY B 12 -5.57 18.38 0.15
CA GLY B 12 -4.66 18.87 1.16
C GLY B 12 -5.10 20.25 1.58
N ASP B 13 -4.56 20.70 2.71
CA ASP B 13 -4.85 22.01 3.27
C ASP B 13 -6.27 22.08 3.82
N GLU B 14 -6.79 20.95 4.28
CA GLU B 14 -8.16 20.91 4.83
C GLU B 14 -8.28 21.52 6.26
N GLY B 15 -7.15 21.61 6.96
CA GLY B 15 -7.16 22.13 8.31
C GLY B 15 -7.04 21.07 9.41
N LYS B 16 -6.27 20.02 9.15
CA LYS B 16 -6.06 18.89 10.09
C LYS B 16 -5.37 19.22 11.44
N GLY B 17 -4.37 20.10 11.42
CA GLY B 17 -3.63 20.43 12.63
C GLY B 17 -4.40 20.50 13.92
N LYS B 18 -5.43 21.32 13.92
CA LYS B 18 -6.22 21.53 15.12
C LYS B 18 -6.91 20.30 15.58
N ILE B 19 -7.44 19.52 14.65
CA ILE B 19 -8.13 18.28 14.98
C ILE B 19 -7.19 17.25 15.64
N VAL B 20 -6.00 17.10 15.04
CA VAL B 20 -4.99 16.16 15.52
C VAL B 20 -4.50 16.55 16.90
N ASP B 21 -4.20 17.83 17.12
CA ASP B 21 -3.73 18.18 18.43
C ASP B 21 -4.77 17.76 19.43
N LEU B 22 -6.01 18.08 19.08
CA LEU B 22 -7.17 17.80 19.91
C LEU B 22 -7.29 16.30 20.24
N LEU B 23 -7.26 15.43 19.22
CA LEU B 23 -7.38 14.01 19.48
C LEU B 23 -6.18 13.40 20.27
N THR B 24 -4.98 13.89 19.99
CA THR B 24 -3.81 13.40 20.72
C THR B 24 -3.95 13.57 22.24
N GLU B 25 -5.02 14.20 22.72
CA GLU B 25 -5.19 14.33 24.18
C GLU B 25 -5.91 13.09 24.70
N ARG B 26 -6.41 12.30 23.78
CA ARG B 26 -7.17 11.13 24.06
C ARG B 26 -6.45 9.86 23.70
N ALA B 27 -5.46 10.00 22.83
CA ALA B 27 -4.69 8.90 22.29
C ALA B 27 -3.54 8.52 23.17
N LYS B 28 -3.33 7.23 23.36
CA LYS B 28 -2.19 6.74 24.10
C LYS B 28 -1.01 6.58 23.11
N TYR B 29 -1.32 6.39 21.80
CA TYR B 29 -0.34 6.23 20.69
C TYR B 29 -0.68 7.04 19.43
N VAL B 30 0.36 7.60 18.82
CA VAL B 30 0.24 8.39 17.60
C VAL B 30 1.15 7.81 16.52
N VAL B 31 0.61 7.59 15.33
CA VAL B 31 1.41 6.97 14.29
C VAL B 31 1.37 7.66 12.94
N ARG B 32 2.57 7.93 12.41
CA ARG B 32 2.75 8.49 11.07
C ARG B 32 2.85 7.22 10.20
N TYR B 33 2.17 7.21 9.07
CA TYR B 33 2.15 6.02 8.24
C TYR B 33 2.51 6.23 6.75
N GLN B 34 2.70 7.46 6.29
CA GLN B 34 3.05 7.71 4.90
C GLN B 34 3.60 9.13 4.71
N GLY B 35 4.69 9.31 3.96
CA GLY B 35 5.14 10.67 3.79
C GLY B 35 6.56 10.82 4.18
N GLY B 36 6.97 12.07 4.35
CA GLY B 36 8.33 12.41 4.76
C GLY B 36 8.29 13.63 5.67
N HIS B 37 9.21 14.55 5.43
CA HIS B 37 9.28 15.78 6.20
C HIS B 37 8.40 16.87 5.56
N ASN B 38 7.13 16.50 5.27
CA ASN B 38 6.09 17.37 4.68
C ASN B 38 5.26 17.95 5.79
N ALA B 39 4.70 17.07 6.60
CA ALA B 39 3.86 17.39 7.75
C ALA B 39 3.42 18.83 7.82
N GLY B 40 4.31 19.73 8.24
CA GLY B 40 3.94 21.13 8.33
C GLY B 40 2.86 21.32 9.37
N HIS B 41 3.26 21.63 10.60
CA HIS B 41 2.32 21.81 11.69
C HIS B 41 2.93 22.75 12.72
N THR B 42 2.32 23.92 12.80
CA THR B 42 2.72 24.98 13.71
C THR B 42 2.32 24.67 15.17
N LEU B 43 3.33 24.45 16.00
CA LEU B 43 3.14 24.16 17.41
C LEU B 43 3.68 25.34 18.18
N VAL B 44 2.85 25.98 18.99
CA VAL B 44 3.35 27.08 19.79
C VAL B 44 4.05 26.45 21.00
N ILE B 45 5.25 25.90 20.78
CA ILE B 45 6.01 25.21 21.82
C ILE B 45 6.13 26.01 23.10
N ASN B 46 5.07 25.98 23.91
CA ASN B 46 5.03 26.70 25.17
C ASN B 46 5.75 28.07 25.14
N GLY B 47 5.24 29.01 24.34
CA GLY B 47 5.86 30.32 24.26
C GLY B 47 6.41 30.66 22.89
N GLU B 48 7.27 29.78 22.41
CA GLU B 48 7.90 29.90 21.10
C GLU B 48 7.01 29.12 20.08
N LYS B 49 6.83 29.66 18.87
CA LYS B 49 6.02 28.97 17.85
C LYS B 49 6.95 28.24 16.89
N THR B 50 6.73 26.92 16.73
CA THR B 50 7.59 26.10 15.88
C THR B 50 6.83 25.27 14.86
N VAL B 51 7.44 25.06 13.69
CA VAL B 51 6.86 24.31 12.57
C VAL B 51 7.48 22.93 12.44
N LEU B 52 6.76 21.90 12.86
CA LEU B 52 7.31 20.57 12.75
C LEU B 52 6.92 19.93 11.44
N HIS B 53 7.91 19.32 10.79
CA HIS B 53 7.71 18.64 9.50
C HIS B 53 7.85 17.11 9.59
N LEU B 54 8.30 16.56 10.71
CA LEU B 54 8.42 15.10 10.77
C LEU B 54 7.93 14.50 12.06
N ILE B 55 8.26 15.12 13.19
CA ILE B 55 7.82 14.62 14.48
C ILE B 55 6.33 15.00 14.74
N PRO B 56 5.54 14.07 15.25
CA PRO B 56 4.13 14.33 15.54
C PRO B 56 3.90 15.31 16.70
N SER B 57 2.93 16.20 16.55
CA SER B 57 2.64 17.20 17.57
C SER B 57 2.33 16.49 18.87
N GLY B 58 2.01 15.20 18.74
CA GLY B 58 1.75 14.38 19.90
C GLY B 58 3.00 14.19 20.76
N ILE B 59 4.14 14.72 20.33
CA ILE B 59 5.40 14.64 21.09
C ILE B 59 5.37 15.62 22.27
N LEU B 60 4.59 16.68 22.16
CA LEU B 60 4.49 17.64 23.26
C LEU B 60 3.74 17.10 24.49
N ARG B 61 3.25 15.86 24.45
CA ARG B 61 2.44 15.31 25.54
C ARG B 61 3.10 14.35 26.46
N GLU B 62 2.76 14.51 27.73
CA GLU B 62 3.31 13.73 28.81
C GLU B 62 2.95 12.25 28.82
N ASN B 63 2.00 11.79 28.03
CA ASN B 63 1.67 10.34 28.12
C ASN B 63 1.29 9.74 26.80
N VAL B 64 1.98 10.14 25.75
CA VAL B 64 1.66 9.65 24.43
C VAL B 64 2.98 9.29 23.82
N THR B 65 3.02 8.12 23.17
CA THR B 65 4.21 7.66 22.45
C THR B 65 3.98 7.98 20.96
N SER B 66 4.99 8.52 20.31
CA SER B 66 4.92 8.88 18.89
C SER B 66 5.71 7.87 18.03
N ILE B 67 5.14 7.37 16.95
CA ILE B 67 5.88 6.37 16.19
C ILE B 67 6.10 6.76 14.73
N ILE B 68 7.33 6.70 14.23
CA ILE B 68 7.46 6.97 12.80
C ILE B 68 7.34 5.62 12.15
N GLY B 69 6.14 5.29 11.64
CA GLY B 69 5.93 4.01 10.97
C GLY B 69 6.74 3.81 9.70
N ASN B 70 6.94 2.56 9.29
CA ASN B 70 7.76 2.25 8.11
C ASN B 70 7.34 2.82 6.75
N GLY B 71 6.14 3.37 6.63
CA GLY B 71 5.75 3.91 5.33
C GLY B 71 6.25 5.32 5.08
N VAL B 72 6.88 5.90 6.09
CA VAL B 72 7.45 7.25 6.04
C VAL B 72 8.94 7.17 5.68
N VAL B 73 9.39 7.96 4.71
CA VAL B 73 10.81 8.01 4.29
C VAL B 73 11.58 8.77 5.36
N LEU B 74 12.71 8.28 5.86
CA LEU B 74 13.43 8.98 6.97
C LEU B 74 14.70 9.80 6.67
N SER B 75 14.70 11.05 7.15
CA SER B 75 15.85 11.89 6.99
C SER B 75 16.51 12.17 8.33
N PRO B 76 17.73 11.59 8.54
CA PRO B 76 18.44 11.80 9.82
C PRO B 76 18.70 13.30 9.95
N ALA B 77 19.36 13.85 8.95
CA ALA B 77 19.68 15.27 8.95
C ALA B 77 18.50 16.10 9.45
N ALA B 78 17.32 15.78 8.95
CA ALA B 78 16.11 16.51 9.28
C ALA B 78 15.58 16.30 10.70
N LEU B 79 15.52 15.05 11.15
CA LEU B 79 15.04 14.68 12.48
C LEU B 79 15.96 15.16 13.65
N MET B 80 17.28 15.24 13.40
CA MET B 80 18.20 15.70 14.43
C MET B 80 17.96 17.19 14.72
N LYS B 81 17.81 17.97 13.66
CA LYS B 81 17.52 19.40 13.74
C LYS B 81 16.19 19.67 14.49
N GLU B 82 15.24 18.72 14.43
CA GLU B 82 13.95 18.86 15.11
C GLU B 82 14.07 18.37 16.56
N MET B 83 14.98 17.43 16.79
CA MET B 83 15.22 16.90 18.13
C MET B 83 15.79 17.98 19.03
N LYS B 84 16.95 18.50 18.66
CA LYS B 84 17.60 19.54 19.43
C LYS B 84 16.64 20.71 19.59
N GLU B 85 15.90 21.04 18.51
CA GLU B 85 14.94 22.15 18.53
C GLU B 85 14.00 21.98 19.73
N LEU B 86 13.35 20.82 19.81
CA LEU B 86 12.44 20.51 20.94
C LEU B 86 13.21 20.20 22.23
N GLU B 87 14.36 19.53 22.14
CA GLU B 87 15.17 19.24 23.31
C GLU B 87 15.70 20.53 23.94
N ASP B 88 15.87 21.57 23.11
CA ASP B 88 16.31 22.85 23.63
C ASP B 88 15.16 23.43 24.46
N ARG B 89 13.95 23.27 23.94
CA ARG B 89 12.72 23.70 24.59
C ARG B 89 12.36 22.88 25.85
N GLY B 90 13.11 21.84 26.16
CA GLY B 90 12.82 21.04 27.35
C GLY B 90 11.95 19.78 27.24
N ILE B 91 11.69 19.34 26.02
CA ILE B 91 10.85 18.16 25.74
C ILE B 91 11.71 16.91 25.55
N PRO B 92 11.55 15.86 26.38
CA PRO B 92 12.39 14.66 26.19
C PRO B 92 12.05 13.86 24.90
N VAL B 93 12.34 14.47 23.76
CA VAL B 93 12.04 13.83 22.47
C VAL B 93 12.54 12.34 22.40
N ARG B 94 13.81 12.16 22.72
CA ARG B 94 14.51 10.87 22.77
C ARG B 94 13.84 9.75 23.60
N GLU B 95 12.84 10.05 24.42
CA GLU B 95 12.24 8.96 25.17
C GLU B 95 10.72 8.69 24.94
N ARG B 96 10.09 9.43 24.03
CA ARG B 96 8.68 9.23 23.68
C ARG B 96 8.54 8.85 22.16
N LEU B 97 9.69 8.80 21.49
CA LEU B 97 9.78 8.55 20.06
C LEU B 97 10.41 7.22 19.70
N LEU B 98 9.70 6.52 18.82
CA LEU B 98 10.08 5.23 18.28
C LEU B 98 9.96 5.24 16.73
N LEU B 99 11.03 4.76 16.10
CA LEU B 99 11.19 4.64 14.65
C LEU B 99 11.13 3.16 14.30
N SER B 100 10.49 2.82 13.18
CA SER B 100 10.44 1.44 12.68
C SER B 100 11.78 1.19 11.94
N GLU B 101 12.21 -0.04 11.80
CA GLU B 101 13.49 -0.30 11.13
C GLU B 101 13.36 -0.32 9.61
N ALA B 102 12.13 -0.48 9.13
CA ALA B 102 11.83 -0.61 7.71
C ALA B 102 11.78 0.67 6.96
N CYS B 103 11.87 1.79 7.68
CA CYS B 103 11.85 3.15 7.14
C CYS B 103 13.02 3.44 6.23
N PRO B 104 12.77 3.69 4.91
CA PRO B 104 13.83 3.99 3.93
C PRO B 104 14.52 5.26 4.36
N LEU B 105 15.83 5.36 4.11
CA LEU B 105 16.55 6.57 4.49
C LEU B 105 16.65 7.53 3.33
N ILE B 106 16.51 8.82 3.64
CA ILE B 106 16.64 9.92 2.70
C ILE B 106 18.01 10.44 3.04
N LEU B 107 18.83 10.66 2.01
CA LEU B 107 20.22 11.05 2.16
C LEU B 107 20.66 11.96 0.99
N ASP B 108 21.66 12.77 1.24
CA ASP B 108 22.22 13.72 0.27
C ASP B 108 21.96 13.51 -1.21
N TYR B 109 22.26 12.33 -1.72
CA TYR B 109 22.07 12.06 -3.13
C TYR B 109 20.60 12.03 -3.58
N HIS B 110 19.66 11.96 -2.66
CA HIS B 110 18.26 11.92 -3.05
C HIS B 110 17.78 13.37 -3.30
N VAL B 111 18.27 14.31 -2.49
CA VAL B 111 17.89 15.71 -2.66
C VAL B 111 18.56 16.33 -3.88
N ALA B 112 19.86 16.06 -4.05
CA ALA B 112 20.61 16.59 -5.20
C ALA B 112 20.12 15.99 -6.55
N LEU B 113 19.27 14.95 -6.49
CA LEU B 113 18.67 14.31 -7.66
C LEU B 113 17.45 15.15 -7.92
N ASP B 114 16.72 15.37 -6.84
CA ASP B 114 15.53 16.19 -6.85
C ASP B 114 15.84 17.54 -7.43
N ASN B 115 16.87 18.19 -6.89
CA ASN B 115 17.35 19.51 -7.37
C ASN B 115 17.83 19.55 -8.83
N ALA B 116 18.20 18.41 -9.41
CA ALA B 116 18.61 18.42 -10.83
C ALA B 116 17.40 18.14 -11.66
N ARG B 117 16.63 17.17 -11.22
CA ARG B 117 15.41 16.82 -11.90
C ARG B 117 14.52 18.06 -12.10
N GLU B 118 14.49 18.94 -11.11
CA GLU B 118 13.69 20.16 -11.23
C GLU B 118 14.25 21.05 -12.32
N LYS B 119 15.53 21.44 -12.21
CA LYS B 119 16.20 22.30 -13.21
C LYS B 119 15.76 21.97 -14.63
N ALA B 120 16.09 20.76 -15.07
CA ALA B 120 15.77 20.26 -16.40
C ALA B 120 14.27 20.13 -16.67
N ARG B 121 13.57 19.41 -15.80
CA ARG B 121 12.14 19.16 -15.95
C ARG B 121 11.32 20.19 -15.18
N GLY B 122 11.75 21.44 -15.27
CA GLY B 122 11.04 22.51 -14.59
C GLY B 122 11.35 23.81 -15.29
N ALA B 123 11.12 24.93 -14.61
CA ALA B 123 11.34 26.25 -15.20
C ALA B 123 11.24 27.33 -14.13
N LYS B 124 11.83 28.50 -14.39
CA LYS B 124 11.82 29.58 -13.40
C LYS B 124 10.43 30.11 -13.06
N ALA B 125 10.05 29.88 -11.80
CA ALA B 125 8.79 30.28 -11.16
C ALA B 125 8.54 29.32 -9.98
N ILE B 126 9.45 29.36 -9.01
CA ILE B 126 9.41 28.55 -7.80
C ILE B 126 9.43 27.02 -8.03
N GLY B 127 10.63 26.43 -8.05
CA GLY B 127 10.77 24.99 -8.23
C GLY B 127 10.88 24.31 -6.86
N THR B 128 9.75 24.10 -6.21
CA THR B 128 9.71 23.54 -4.87
C THR B 128 9.69 21.97 -4.80
N THR B 129 10.74 21.33 -5.31
CA THR B 129 10.81 19.87 -5.29
C THR B 129 11.91 19.32 -4.39
N GLY B 130 13.08 19.96 -4.41
CA GLY B 130 14.24 19.53 -3.64
C GLY B 130 14.02 19.01 -2.21
N ARG B 131 13.84 17.70 -2.11
CA ARG B 131 13.61 17.06 -0.81
C ARG B 131 14.20 15.66 -0.78
N GLY B 132 14.05 14.93 -1.88
CA GLY B 132 14.55 13.57 -1.99
C GLY B 132 13.52 12.49 -1.69
N ILE B 133 12.27 12.89 -1.39
CA ILE B 133 11.16 11.96 -1.10
C ILE B 133 10.80 11.08 -2.33
N GLY B 134 10.57 11.67 -3.51
CA GLY B 134 10.28 10.83 -4.64
C GLY B 134 11.36 9.78 -4.84
N PRO B 135 12.65 10.17 -5.00
CA PRO B 135 13.84 9.31 -5.20
C PRO B 135 13.96 8.13 -4.25
N ALA B 136 14.00 8.40 -2.96
CA ALA B 136 14.05 7.31 -1.98
C ALA B 136 12.93 6.26 -2.25
N TYR B 137 11.67 6.66 -2.41
CA TYR B 137 10.65 5.65 -2.71
C TYR B 137 11.04 4.87 -3.97
N GLU B 138 11.65 5.55 -4.95
CA GLU B 138 12.12 4.91 -6.24
C GLU B 138 13.20 3.84 -5.99
N ASP B 139 13.91 3.97 -4.89
CA ASP B 139 14.98 3.04 -4.57
C ASP B 139 14.48 1.88 -3.79
N LYS B 140 13.51 2.16 -2.94
CA LYS B 140 12.91 1.12 -2.10
C LYS B 140 12.32 0.03 -2.98
N VAL B 141 11.27 0.42 -3.70
CA VAL B 141 10.57 -0.49 -4.59
C VAL B 141 11.50 -1.26 -5.48
N ALA B 142 12.66 -0.69 -5.83
CA ALA B 142 13.63 -1.41 -6.69
C ALA B 142 14.71 -2.11 -5.84
N ARG B 143 14.35 -2.54 -4.63
CA ARG B 143 15.27 -3.28 -3.78
C ARG B 143 16.68 -2.89 -4.12
N ARG B 144 16.96 -1.61 -3.90
CA ARG B 144 18.26 -0.95 -4.16
C ARG B 144 18.60 0.12 -3.07
N GLY B 145 17.67 0.37 -2.16
CA GLY B 145 17.97 1.39 -1.16
C GLY B 145 18.39 0.88 0.22
N LEU B 146 18.68 1.82 1.11
CA LEU B 146 19.08 1.51 2.48
C LEU B 146 17.89 1.80 3.40
N ARG B 147 17.88 1.19 4.59
CA ARG B 147 16.82 1.40 5.57
C ARG B 147 17.49 1.74 6.88
N VAL B 148 16.71 2.06 7.90
CA VAL B 148 17.27 2.31 9.24
C VAL B 148 17.85 1.04 9.80
N GLY B 149 17.18 -0.08 9.52
CA GLY B 149 17.66 -1.37 10.02
C GLY B 149 19.06 -1.71 9.55
N ASP B 150 19.45 -1.23 8.37
CA ASP B 150 20.77 -1.48 7.78
C ASP B 150 21.89 -0.93 8.67
N LEU B 151 21.60 0.15 9.38
CA LEU B 151 22.56 0.78 10.27
C LEU B 151 23.08 -0.21 11.34
N PHE B 152 22.33 -1.27 11.60
CA PHE B 152 22.74 -2.27 12.58
C PHE B 152 23.89 -3.15 12.07
N ASP B 153 24.50 -2.81 10.95
CA ASP B 153 25.64 -3.59 10.46
C ASP B 153 26.55 -2.66 9.67
N LYS B 154 27.26 -1.84 10.43
CA LYS B 154 28.20 -0.81 9.98
C LYS B 154 29.08 -1.16 8.76
N GLU B 155 29.67 -2.34 8.74
CA GLU B 155 30.51 -2.80 7.62
C GLU B 155 29.69 -2.97 6.32
N THR B 156 28.41 -3.36 6.48
CA THR B 156 27.55 -3.58 5.32
C THR B 156 26.90 -2.32 4.76
N PHE B 157 26.71 -1.30 5.60
CA PHE B 157 26.15 -0.06 5.08
C PHE B 157 27.21 0.51 4.15
N ALA B 158 28.44 0.51 4.67
CA ALA B 158 29.57 1.00 3.92
C ALA B 158 29.58 0.45 2.50
N GLU B 159 29.37 -0.84 2.31
CA GLU B 159 29.40 -1.34 0.95
C GLU B 159 28.18 -1.12 0.12
N LYS B 160 26.99 -1.35 0.67
CA LYS B 160 25.72 -1.17 -0.04
C LYS B 160 25.55 0.29 -0.50
N LEU B 161 26.12 1.21 0.31
CA LEU B 161 26.05 2.64 0.02
C LEU B 161 26.88 3.04 -1.18
N LYS B 162 28.14 2.61 -1.22
CA LYS B 162 29.03 2.90 -2.32
C LYS B 162 28.38 2.43 -3.64
N GLU B 163 27.63 1.35 -3.55
CA GLU B 163 26.97 0.83 -4.73
C GLU B 163 25.82 1.70 -5.17
N VAL B 164 24.81 1.88 -4.32
CA VAL B 164 23.69 2.74 -4.70
C VAL B 164 24.16 4.17 -5.10
N MET B 165 25.21 4.65 -4.43
CA MET B 165 25.81 5.93 -4.78
C MET B 165 26.59 5.86 -6.11
N GLU B 166 27.29 4.76 -6.38
CA GLU B 166 27.97 4.67 -7.67
C GLU B 166 26.96 4.98 -8.80
N TYR B 167 25.86 4.22 -8.79
CA TYR B 167 24.76 4.37 -9.73
C TYR B 167 24.23 5.83 -9.84
N HIS B 168 24.05 6.50 -8.70
CA HIS B 168 23.54 7.89 -8.66
C HIS B 168 24.50 8.97 -9.16
N ASN B 169 25.80 8.89 -8.88
CA ASN B 169 26.67 9.93 -9.44
C ASN B 169 26.75 9.82 -10.98
N PHE B 170 26.56 8.61 -11.50
CA PHE B 170 26.55 8.44 -12.96
C PHE B 170 25.40 9.24 -13.58
N GLN B 171 24.26 9.27 -12.91
CA GLN B 171 23.13 10.03 -13.40
C GLN B 171 23.41 11.50 -13.16
N LEU B 172 23.71 11.86 -11.92
CA LEU B 172 23.99 13.26 -11.54
C LEU B 172 24.92 13.92 -12.52
N VAL B 173 26.11 13.33 -12.71
CA VAL B 173 27.12 13.90 -13.61
C VAL B 173 27.01 13.57 -15.13
N ASN B 174 26.65 12.35 -15.54
CA ASN B 174 26.60 12.07 -16.98
C ASN B 174 25.27 12.33 -17.70
N TYR B 175 24.15 12.16 -17.02
CA TYR B 175 22.88 12.43 -17.62
C TYR B 175 22.46 13.84 -17.28
N TYR B 176 22.42 14.16 -16.00
CA TYR B 176 21.97 15.47 -15.58
C TYR B 176 22.98 16.59 -15.72
N LYS B 177 24.23 16.24 -15.97
CA LYS B 177 25.28 17.24 -16.11
C LYS B 177 25.43 18.06 -14.83
N ALA B 178 24.95 17.51 -13.72
CA ALA B 178 25.05 18.16 -12.41
C ALA B 178 26.31 17.61 -11.72
N GLU B 179 26.58 17.91 -10.46
CA GLU B 179 27.80 17.33 -9.87
C GLU B 179 27.56 16.03 -9.11
N ALA B 180 28.59 15.46 -8.54
CA ALA B 180 28.52 14.20 -7.79
C ALA B 180 28.45 14.43 -6.27
N VAL B 181 27.82 13.55 -5.54
CA VAL B 181 27.79 13.71 -4.12
C VAL B 181 29.01 12.89 -3.65
N ASP B 182 29.83 13.44 -2.73
CA ASP B 182 31.01 12.73 -2.22
C ASP B 182 30.56 11.65 -1.22
N TYR B 183 31.06 10.42 -1.42
CA TYR B 183 30.75 9.21 -0.65
C TYR B 183 31.26 9.18 0.80
N GLN B 184 32.54 9.45 0.99
CA GLN B 184 33.07 9.44 2.33
C GLN B 184 32.30 10.44 3.20
N LYS B 185 31.81 11.53 2.61
CA LYS B 185 31.08 12.52 3.38
C LYS B 185 29.78 11.92 3.86
N VAL B 186 28.99 11.41 2.91
CA VAL B 186 27.72 10.79 3.24
C VAL B 186 27.95 9.59 4.20
N LEU B 187 28.94 8.73 3.94
CA LEU B 187 29.16 7.67 4.90
C LEU B 187 29.43 8.24 6.28
N ASP B 188 30.30 9.24 6.36
CA ASP B 188 30.70 9.89 7.62
C ASP B 188 29.58 10.58 8.40
N ASP B 189 28.78 11.38 7.70
CA ASP B 189 27.69 12.06 8.35
C ASP B 189 26.71 11.07 8.96
N THR B 190 26.27 10.10 8.16
CA THR B 190 25.33 9.04 8.59
C THR B 190 25.86 8.24 9.83
N MET B 191 27.10 7.78 9.75
CA MET B 191 27.63 7.03 10.87
C MET B 191 27.57 7.80 12.20
N ALA B 192 27.64 9.13 12.13
CA ALA B 192 27.64 9.94 13.36
C ALA B 192 26.29 10.13 14.03
N VAL B 193 25.21 9.65 13.38
CA VAL B 193 23.82 9.69 13.87
C VAL B 193 23.25 8.26 14.01
N ALA B 194 24.05 7.26 13.70
CA ALA B 194 23.63 5.87 13.73
C ALA B 194 23.13 5.39 15.08
N ASP B 195 24.04 5.29 16.04
CA ASP B 195 23.74 4.81 17.36
C ASP B 195 22.55 5.53 18.02
N ILE B 196 22.23 6.72 17.55
CA ILE B 196 21.08 7.48 18.01
C ILE B 196 19.82 6.92 17.31
N LEU B 197 19.84 6.88 16.00
CA LEU B 197 18.71 6.34 15.26
C LEU B 197 18.46 4.87 15.65
N THR B 198 19.49 4.06 15.80
CA THR B 198 19.21 2.66 16.16
C THR B 198 18.84 2.45 17.64
N SER B 199 18.92 3.51 18.45
CA SER B 199 18.60 3.38 19.85
C SER B 199 17.10 3.60 20.11
N MET B 200 16.36 3.98 19.06
CA MET B 200 14.92 4.27 19.10
C MET B 200 14.10 3.31 18.24
N VAL B 201 14.75 2.31 17.69
CA VAL B 201 14.07 1.39 16.83
C VAL B 201 13.28 0.40 17.63
N VAL B 202 12.11 0.05 17.14
CA VAL B 202 11.30 -0.94 17.85
C VAL B 202 10.43 -1.75 16.89
N ASP B 203 10.03 -2.94 17.33
CA ASP B 203 9.14 -3.78 16.52
C ASP B 203 7.73 -3.15 16.55
N VAL B 204 7.49 -2.28 15.56
CA VAL B 204 6.22 -1.58 15.46
C VAL B 204 4.96 -2.49 15.44
N SER B 205 4.90 -3.40 14.47
CA SER B 205 3.74 -4.30 14.27
C SER B 205 3.30 -4.98 15.56
N ASP B 206 4.25 -5.45 16.36
CA ASP B 206 3.88 -6.12 17.60
C ASP B 206 3.34 -5.13 18.61
N LEU B 207 4.06 -4.03 18.78
CA LEU B 207 3.66 -2.94 19.69
C LEU B 207 2.19 -2.61 19.43
N LEU B 208 1.83 -2.35 18.17
CA LEU B 208 0.46 -2.02 17.85
C LEU B 208 -0.45 -3.20 18.10
N ASP B 209 -0.03 -4.39 17.70
CA ASP B 209 -0.87 -5.56 17.97
C ASP B 209 -1.16 -5.66 19.50
N GLN B 210 -0.19 -5.24 20.31
CA GLN B 210 -0.35 -5.29 21.75
C GLN B 210 -1.36 -4.29 22.25
N ALA B 211 -1.24 -3.03 21.85
CA ALA B 211 -2.15 -1.96 22.25
C ALA B 211 -3.61 -2.24 21.82
N ARG B 212 -3.79 -2.82 20.64
CA ARG B 212 -5.11 -3.14 20.15
C ARG B 212 -5.69 -4.29 21.00
N GLN B 213 -4.92 -5.35 21.12
CA GLN B 213 -5.39 -6.45 21.94
C GLN B 213 -5.81 -5.86 23.29
N ARG B 214 -4.91 -5.02 23.81
CA ARG B 214 -5.04 -4.32 25.08
C ARG B 214 -6.12 -3.20 25.08
N GLY B 215 -6.63 -2.80 23.90
CA GLY B 215 -7.68 -1.78 23.78
C GLY B 215 -7.35 -0.30 23.89
N ASP B 216 -6.11 0.08 23.68
CA ASP B 216 -5.70 1.44 23.79
C ASP B 216 -6.11 2.24 22.59
N PHE B 217 -6.17 3.56 22.80
CA PHE B 217 -6.55 4.54 21.77
C PHE B 217 -5.34 4.87 20.92
N VAL B 218 -5.29 4.27 19.75
CA VAL B 218 -4.20 4.54 18.81
C VAL B 218 -4.69 5.44 17.65
N MET B 219 -3.99 6.54 17.37
CA MET B 219 -4.41 7.39 16.27
C MET B 219 -3.43 7.35 15.12
N PHE B 220 -3.94 7.21 13.89
CA PHE B 220 -3.05 7.21 12.72
C PHE B 220 -3.26 8.51 11.97
N GLU B 221 -2.22 9.07 11.33
CA GLU B 221 -2.42 10.32 10.59
C GLU B 221 -1.78 10.41 9.17
N GLY B 222 -2.62 10.78 8.21
CA GLY B 222 -2.19 10.96 6.82
C GLY B 222 -1.60 12.36 6.66
N ALA B 223 -0.59 12.51 5.81
CA ALA B 223 0.06 13.81 5.63
C ALA B 223 -0.48 14.54 4.42
N GLN B 224 -0.60 13.84 3.31
CA GLN B 224 -1.14 14.47 2.13
C GLN B 224 -2.66 14.23 1.94
N GLY B 225 -3.34 15.10 1.19
CA GLY B 225 -4.75 14.91 0.92
C GLY B 225 -5.02 13.75 -0.05
N THR B 226 -6.18 13.09 0.13
CA THR B 226 -6.64 11.91 -0.61
C THR B 226 -6.49 11.83 -2.14
N LEU B 227 -6.97 12.84 -2.85
CA LEU B 227 -6.89 12.86 -4.30
C LEU B 227 -5.48 13.19 -4.79
N LEU B 228 -4.47 12.93 -3.97
CA LEU B 228 -3.12 13.15 -4.44
C LEU B 228 -2.48 11.79 -4.45
N ASP B 229 -3.29 10.78 -4.18
CA ASP B 229 -2.83 9.40 -4.07
C ASP B 229 -2.14 8.90 -5.33
N ILE B 230 -0.87 8.54 -5.16
CA ILE B 230 -0.09 8.02 -6.26
C ILE B 230 -0.94 7.16 -7.25
N ASP B 231 -1.91 6.43 -6.71
CA ASP B 231 -2.74 5.54 -7.51
C ASP B 231 -4.11 6.08 -8.06
N HIS B 232 -5.07 6.38 -7.19
CA HIS B 232 -6.39 6.85 -7.59
C HIS B 232 -6.56 8.40 -7.68
N GLY B 233 -5.47 9.15 -7.86
CA GLY B 233 -5.50 10.59 -7.99
C GLY B 233 -5.47 11.01 -9.46
N THR B 234 -5.28 12.30 -9.74
CA THR B 234 -5.21 12.80 -11.13
C THR B 234 -3.80 12.54 -11.63
N TYR B 235 -3.58 11.29 -12.04
CA TYR B 235 -2.27 10.80 -12.41
C TYR B 235 -1.13 11.78 -12.52
N PRO B 236 -0.99 12.49 -13.65
CA PRO B 236 0.16 13.42 -13.70
C PRO B 236 0.32 14.12 -12.38
N TYR B 237 -0.79 14.72 -11.97
CA TYR B 237 -0.86 15.55 -10.80
C TYR B 237 -1.21 14.77 -9.53
N VAL B 238 -0.27 13.93 -9.08
CA VAL B 238 -0.37 13.14 -7.84
C VAL B 238 1.01 13.03 -7.18
N THR B 239 1.05 12.79 -5.87
CA THR B 239 2.37 12.70 -5.22
C THR B 239 3.10 11.38 -5.41
N SER B 240 4.12 11.13 -4.59
CA SER B 240 4.94 9.94 -4.72
C SER B 240 4.52 8.73 -3.88
N SER B 241 3.51 8.87 -3.04
CA SER B 241 3.10 7.75 -2.18
C SER B 241 1.61 7.58 -2.14
N ASN B 242 1.13 6.65 -1.30
CA ASN B 242 -0.29 6.38 -1.16
C ASN B 242 -0.90 7.15 0.03
N THR B 243 -1.69 8.20 -0.28
CA THR B 243 -2.30 9.06 0.75
C THR B 243 -3.56 8.55 1.44
N THR B 244 -4.32 7.68 0.78
CA THR B 244 -5.56 7.15 1.34
C THR B 244 -5.35 6.33 2.59
N ALA B 245 -6.47 5.79 3.10
CA ALA B 245 -6.47 5.00 4.33
C ALA B 245 -5.78 3.66 4.15
N GLY B 246 -5.88 3.07 2.95
CA GLY B 246 -5.24 1.78 2.70
C GLY B 246 -3.73 1.80 2.97
N GLY B 247 -3.17 2.99 3.01
CA GLY B 247 -1.75 3.08 3.29
C GLY B 247 -1.46 2.73 4.74
N VAL B 248 -2.50 2.45 5.51
CA VAL B 248 -2.37 2.12 6.92
C VAL B 248 -1.80 0.72 7.16
N ALA B 249 -2.41 -0.30 6.57
CA ALA B 249 -1.89 -1.64 6.76
C ALA B 249 -0.42 -1.61 6.33
N THR B 250 -0.19 -1.13 5.11
CA THR B 250 1.14 -1.07 4.56
C THR B 250 2.21 -0.22 5.30
N GLY B 251 1.94 1.00 5.74
CA GLY B 251 2.98 1.77 6.39
C GLY B 251 3.16 1.62 7.89
N SER B 252 2.49 0.65 8.50
CA SER B 252 2.60 0.55 9.92
C SER B 252 2.83 -0.88 10.33
N GLY B 253 2.18 -1.80 9.59
CA GLY B 253 2.29 -3.23 9.83
C GLY B 253 1.10 -3.79 10.60
N LEU B 254 -0.06 -3.16 10.42
CA LEU B 254 -1.26 -3.59 11.09
C LEU B 254 -2.28 -3.84 10.00
N GLY B 255 -2.64 -5.11 9.87
CA GLY B 255 -3.61 -5.52 8.87
C GLY B 255 -4.80 -4.58 8.77
N PRO B 256 -5.53 -4.63 7.65
CA PRO B 256 -6.73 -3.87 7.23
C PRO B 256 -7.92 -3.98 8.15
N ARG B 257 -8.12 -5.16 8.70
CA ARG B 257 -9.26 -5.42 9.54
C ARG B 257 -9.22 -4.75 10.89
N TYR B 258 -8.11 -4.10 11.24
CA TYR B 258 -8.05 -3.48 12.57
C TYR B 258 -8.14 -1.97 12.62
N VAL B 259 -8.49 -1.33 11.52
CA VAL B 259 -8.71 0.11 11.51
C VAL B 259 -10.17 0.23 12.01
N ASP B 260 -10.42 1.08 13.01
CA ASP B 260 -11.78 1.18 13.53
C ASP B 260 -12.66 2.27 12.94
N TYR B 261 -12.20 3.52 12.98
CA TYR B 261 -12.97 4.70 12.51
C TYR B 261 -12.04 5.51 11.64
N VAL B 262 -12.53 5.91 10.47
CA VAL B 262 -11.76 6.65 9.49
C VAL B 262 -12.34 8.04 9.32
N LEU B 263 -11.78 9.02 10.03
CA LEU B 263 -12.27 10.40 10.04
C LEU B 263 -11.66 11.24 8.97
N GLY B 264 -12.50 11.78 8.08
CA GLY B 264 -12.02 12.61 6.98
C GLY B 264 -12.34 14.09 7.15
N ILE B 265 -11.30 14.93 7.11
CA ILE B 265 -11.43 16.36 7.29
C ILE B 265 -11.79 17.05 5.98
N LEU B 266 -12.94 17.73 6.00
CA LEU B 266 -13.51 18.39 4.87
C LEU B 266 -13.46 19.87 5.10
N LYS B 267 -13.14 20.62 4.06
CA LYS B 267 -13.08 22.05 4.20
C LYS B 267 -14.37 22.65 3.66
N ALA B 268 -14.90 23.62 4.37
CA ALA B 268 -16.12 24.25 3.94
C ALA B 268 -16.10 24.54 2.44
N TYR B 269 -14.92 24.55 1.82
CA TYR B 269 -14.82 24.79 0.39
C TYR B 269 -13.50 24.17 -0.14
N SER B 270 -13.29 24.06 -1.47
CA SER B 270 -12.03 23.50 -1.91
C SER B 270 -11.01 24.51 -2.40
N THR B 271 -9.72 24.11 -2.34
CA THR B 271 -8.58 24.93 -2.79
C THR B 271 -7.59 23.99 -3.47
N ARG B 272 -6.75 24.53 -4.35
CA ARG B 272 -5.76 23.69 -5.01
C ARG B 272 -4.41 24.38 -5.17
N VAL B 273 -3.33 23.68 -4.88
CA VAL B 273 -2.03 24.27 -5.08
C VAL B 273 -1.45 23.71 -6.35
N GLY B 274 -1.42 24.49 -7.41
CA GLY B 274 -0.79 23.97 -8.62
C GLY B 274 -1.70 23.45 -9.70
N ALA B 275 -1.07 22.81 -10.68
CA ALA B 275 -1.69 22.23 -11.89
C ALA B 275 -2.67 21.08 -11.60
N GLY B 276 -3.66 20.93 -12.48
CA GLY B 276 -4.58 19.84 -12.30
C GLY B 276 -6.03 20.22 -12.33
N PRO B 277 -6.89 19.25 -12.62
CA PRO B 277 -8.34 19.54 -12.69
C PRO B 277 -8.96 20.02 -11.37
N PHE B 278 -9.69 21.14 -11.49
CA PHE B 278 -10.42 21.78 -10.39
C PHE B 278 -11.74 22.27 -11.06
N PRO B 279 -12.63 21.32 -11.40
CA PRO B 279 -13.91 21.65 -12.05
C PRO B 279 -14.81 22.72 -11.39
N THR B 280 -14.49 23.17 -10.17
CA THR B 280 -15.32 24.20 -9.48
C THR B 280 -14.51 25.46 -9.12
N GLU B 281 -13.30 25.56 -9.66
CA GLU B 281 -12.44 26.71 -9.41
C GLU B 281 -13.17 28.02 -9.79
N LEU B 282 -12.98 29.06 -8.97
CA LEU B 282 -13.65 30.33 -9.23
C LEU B 282 -12.66 31.37 -9.73
N PHE B 283 -13.05 32.09 -10.77
CA PHE B 283 -12.19 33.15 -11.33
C PHE B 283 -12.79 34.58 -11.11
N ASP B 284 -13.83 34.67 -10.28
CA ASP B 284 -14.51 35.93 -10.02
C ASP B 284 -14.27 36.50 -8.60
N GLU B 285 -15.17 37.35 -8.16
CA GLU B 285 -15.06 37.97 -6.86
C GLU B 285 -15.11 36.95 -5.75
N THR B 286 -16.05 36.00 -5.83
CA THR B 286 -16.24 35.01 -4.76
C THR B 286 -14.96 34.26 -4.40
N GLY B 287 -14.16 33.99 -5.43
CA GLY B 287 -12.88 33.32 -5.26
C GLY B 287 -12.06 34.20 -4.36
N GLU B 288 -11.76 35.42 -4.81
CA GLU B 288 -11.01 36.41 -4.03
C GLU B 288 -11.55 36.49 -2.61
N PHE B 289 -12.89 36.50 -2.50
CA PHE B 289 -13.54 36.49 -1.18
C PHE B 289 -13.06 35.29 -0.33
N LEU B 290 -13.20 34.07 -0.88
CA LEU B 290 -12.77 32.80 -0.23
C LEU B 290 -11.28 32.76 0.12
N CYS B 291 -10.41 33.11 -0.84
CA CYS B 291 -8.95 33.14 -0.63
C CYS B 291 -8.61 34.13 0.48
N LYS B 292 -9.15 35.33 0.34
CA LYS B 292 -8.93 36.39 1.33
C LYS B 292 -9.27 35.96 2.77
N GLN B 293 -10.57 35.70 3.03
CA GLN B 293 -11.05 35.31 4.36
C GLN B 293 -10.50 33.96 4.86
N GLY B 294 -10.13 33.09 3.95
CA GLY B 294 -9.61 31.80 4.35
C GLY B 294 -8.13 31.82 4.68
N ASN B 295 -7.46 32.87 4.22
CA ASN B 295 -6.03 33.01 4.43
C ASN B 295 -5.38 31.83 3.71
N GLU B 296 -5.84 31.61 2.48
CA GLU B 296 -5.33 30.54 1.66
C GLU B 296 -4.12 31.00 0.89
N PHE B 297 -3.20 31.61 1.64
CA PHE B 297 -1.92 32.09 1.15
C PHE B 297 -0.99 30.94 1.54
N GLY B 298 0.15 30.61 0.84
CA GLY B 298 0.80 29.33 1.09
C GLY B 298 1.66 29.37 2.35
N ALA B 299 1.34 30.30 3.23
CA ALA B 299 2.09 30.53 4.47
C ALA B 299 3.60 30.60 4.21
N THR B 300 4.07 31.07 3.05
CA THR B 300 5.48 31.23 2.66
C THR B 300 5.60 31.17 1.13
N THR B 301 6.32 32.48 0.39
CA THR B 301 6.35 32.42 -1.07
C THR B 301 5.16 31.63 -1.58
N GLY B 302 4.02 31.99 -1.05
CA GLY B 302 2.83 31.25 -1.36
C GLY B 302 2.02 31.91 -2.45
N ARG B 303 2.41 31.12 -3.53
CA ARG B 303 1.66 31.65 -4.63
C ARG B 303 0.24 31.23 -4.33
N ARG B 304 -0.62 32.23 -4.29
CA ARG B 304 -2.04 32.07 -4.07
C ARG B 304 -2.51 30.65 -4.44
N ARG B 305 -3.27 30.03 -3.55
CA ARG B 305 -3.81 28.71 -3.80
C ARG B 305 -5.11 28.84 -4.59
N ARG B 306 -5.32 27.96 -5.56
CA ARG B 306 -6.55 27.96 -6.37
C ARG B 306 -7.76 27.77 -5.44
N THR B 307 -8.91 28.33 -5.81
CA THR B 307 -10.15 28.29 -5.00
C THR B 307 -11.41 27.87 -5.79
N GLY B 308 -12.50 27.61 -5.06
CA GLY B 308 -13.78 27.23 -5.65
C GLY B 308 -14.78 26.70 -4.65
N TRP B 309 -15.99 26.36 -5.10
CA TRP B 309 -17.01 25.81 -4.19
C TRP B 309 -16.64 24.40 -3.88
N LEU B 310 -17.33 23.82 -2.90
CA LEU B 310 -17.14 22.44 -2.50
C LEU B 310 -17.72 21.52 -3.60
N ASP B 311 -17.02 20.41 -3.89
CA ASP B 311 -17.40 19.44 -4.93
C ASP B 311 -17.79 18.08 -4.41
N THR B 312 -19.09 17.84 -4.31
CA THR B 312 -19.59 16.57 -3.79
C THR B 312 -19.25 15.35 -4.66
N VAL B 313 -18.96 15.56 -5.94
CA VAL B 313 -18.62 14.45 -6.81
C VAL B 313 -17.21 13.97 -6.49
N ALA B 314 -16.33 14.94 -6.26
CA ALA B 314 -14.91 14.73 -5.92
C ALA B 314 -14.81 14.17 -4.52
N VAL B 315 -15.56 14.77 -3.62
CA VAL B 315 -15.61 14.38 -2.22
C VAL B 315 -16.13 12.93 -2.01
N ARG B 316 -16.99 12.48 -2.92
CA ARG B 316 -17.58 11.15 -2.85
C ARG B 316 -16.56 10.08 -3.19
N ARG B 317 -15.63 10.39 -4.10
CA ARG B 317 -14.56 9.50 -4.52
C ARG B 317 -13.75 9.26 -3.23
N ALA B 318 -13.31 10.34 -2.60
CA ALA B 318 -12.60 10.25 -1.33
C ALA B 318 -13.28 9.29 -0.40
N VAL B 319 -14.56 9.50 -0.10
CA VAL B 319 -15.36 8.63 0.80
C VAL B 319 -15.26 7.12 0.41
N GLN B 320 -15.40 6.86 -0.88
CA GLN B 320 -15.31 5.52 -1.45
C GLN B 320 -13.90 4.90 -1.35
N LEU B 321 -12.85 5.68 -1.56
CA LEU B 321 -11.46 5.16 -1.46
C LEU B 321 -10.98 4.90 -0.01
N ASN B 322 -11.66 5.47 0.99
CA ASN B 322 -11.21 5.25 2.35
C ASN B 322 -12.26 4.65 3.24
N SER B 323 -13.43 4.34 2.70
CA SER B 323 -14.53 3.83 3.55
C SER B 323 -14.61 4.75 4.73
N LEU B 324 -14.98 6.00 4.47
CA LEU B 324 -15.06 7.00 5.50
C LEU B 324 -16.17 6.70 6.47
N SER B 325 -15.92 7.01 7.73
CA SER B 325 -16.81 6.78 8.83
C SER B 325 -17.63 8.02 9.21
N GLY B 326 -17.04 9.20 9.09
CA GLY B 326 -17.71 10.44 9.41
C GLY B 326 -16.82 11.60 8.95
N PHE B 327 -17.38 12.81 8.86
CA PHE B 327 -16.61 13.99 8.47
C PHE B 327 -16.34 14.90 9.64
N CYS B 328 -15.35 15.81 9.41
CA CYS B 328 -14.93 16.91 10.28
C CYS B 328 -14.81 18.15 9.39
N LEU B 329 -15.87 18.96 9.35
CA LEU B 329 -15.94 20.18 8.51
C LEU B 329 -15.22 21.37 9.13
N THR B 330 -14.30 21.93 8.35
CA THR B 330 -13.50 23.04 8.80
C THR B 330 -13.83 24.36 8.09
N LYS B 331 -13.30 25.42 8.66
CA LYS B 331 -13.40 26.76 8.09
C LYS B 331 -14.78 27.11 7.51
N LEU B 332 -15.83 26.63 8.15
CA LEU B 332 -17.20 26.95 7.74
C LEU B 332 -17.44 28.44 7.90
N ASP B 333 -16.76 29.01 8.89
CA ASP B 333 -16.85 30.43 9.22
C ASP B 333 -16.35 31.32 8.11
N VAL B 334 -15.49 30.82 7.23
CA VAL B 334 -14.99 31.63 6.15
C VAL B 334 -16.14 32.05 5.22
N LEU B 335 -17.27 31.33 5.28
CA LEU B 335 -18.40 31.67 4.41
C LEU B 335 -19.36 32.71 5.01
N ASP B 336 -19.11 33.17 6.23
CA ASP B 336 -19.98 34.18 6.85
C ASP B 336 -19.98 35.40 5.91
N GLY B 337 -21.15 36.00 5.68
CA GLY B 337 -21.18 37.15 4.78
C GLY B 337 -21.08 36.82 3.30
N LEU B 338 -22.07 36.10 2.81
CA LEU B 338 -22.17 35.70 1.43
C LEU B 338 -23.67 35.51 1.12
N LYS B 339 -24.22 36.41 0.30
CA LYS B 339 -25.65 36.41 -0.04
C LYS B 339 -26.24 35.01 -0.29
N GLU B 340 -25.53 34.22 -1.08
CA GLU B 340 -25.91 32.86 -1.35
C GLU B 340 -24.65 31.99 -1.52
N VAL B 341 -24.83 30.67 -1.62
CA VAL B 341 -23.70 29.77 -1.72
C VAL B 341 -24.01 28.54 -2.59
N LYS B 342 -23.01 27.99 -3.26
CA LYS B 342 -23.27 26.82 -4.11
C LYS B 342 -22.43 25.61 -3.76
N LEU B 343 -22.86 24.48 -4.29
CA LEU B 343 -22.15 23.23 -4.17
C LEU B 343 -22.36 22.47 -5.43
N CYS B 344 -21.33 21.75 -5.88
CA CYS B 344 -21.42 20.96 -7.09
C CYS B 344 -22.07 19.64 -6.72
N VAL B 345 -23.04 19.22 -7.52
CA VAL B 345 -23.77 17.97 -7.23
C VAL B 345 -23.60 16.86 -8.30
N ALA B 346 -23.14 17.26 -9.49
CA ALA B 346 -22.94 16.38 -10.65
C ALA B 346 -22.01 17.06 -11.58
N TYR B 347 -21.50 16.30 -12.55
CA TYR B 347 -20.64 16.85 -13.60
C TYR B 347 -21.39 16.68 -14.90
N ARG B 348 -21.37 17.68 -15.78
CA ARG B 348 -22.00 17.53 -17.09
C ARG B 348 -20.91 17.10 -18.09
N MET B 349 -21.11 15.94 -18.71
CA MET B 349 -20.13 15.49 -19.69
C MET B 349 -20.48 16.16 -21.04
N PRO B 350 -19.46 16.36 -21.91
CA PRO B 350 -19.66 17.00 -23.22
C PRO B 350 -20.83 16.44 -24.04
N ASP B 351 -21.10 15.13 -23.97
CA ASP B 351 -22.24 14.60 -24.72
C ASP B 351 -23.52 14.67 -23.93
N GLY B 352 -23.60 15.58 -22.95
CA GLY B 352 -24.81 15.76 -22.17
C GLY B 352 -25.04 14.95 -20.91
N ARG B 353 -24.60 13.70 -20.89
CA ARG B 353 -24.76 12.83 -19.72
C ARG B 353 -24.25 13.54 -18.46
N GLU B 354 -25.13 13.68 -17.47
CA GLU B 354 -24.86 14.30 -16.17
C GLU B 354 -24.46 13.12 -15.30
N VAL B 355 -23.36 13.19 -14.57
CA VAL B 355 -22.94 12.00 -13.80
C VAL B 355 -22.47 12.25 -12.34
N THR B 356 -22.55 11.22 -11.49
CA THR B 356 -22.09 11.32 -10.09
C THR B 356 -20.74 10.64 -9.77
N THR B 357 -19.80 10.56 -10.74
CA THR B 357 -18.46 9.93 -10.52
C THR B 357 -17.40 10.50 -11.44
N THR B 358 -16.32 10.97 -10.81
CA THR B 358 -15.18 11.62 -11.46
C THR B 358 -14.59 10.90 -12.69
N PRO B 359 -14.09 11.68 -13.67
CA PRO B 359 -13.57 10.95 -14.80
C PRO B 359 -12.34 10.19 -14.39
N LEU B 360 -12.37 8.91 -14.71
CA LEU B 360 -11.24 8.04 -14.49
C LEU B 360 -10.13 8.69 -15.32
N ALA B 361 -9.21 9.58 -14.68
CA ALA B 361 -8.02 10.15 -15.32
C ALA B 361 -7.75 9.45 -16.67
N ALA B 362 -8.40 9.94 -17.73
CA ALA B 362 -8.29 9.32 -19.05
C ALA B 362 -9.24 9.98 -20.05
N ASP B 363 -10.61 9.84 -19.76
CA ASP B 363 -11.65 10.51 -20.56
C ASP B 363 -11.94 11.73 -19.70
N ASP B 364 -10.90 12.53 -19.78
CA ASP B 364 -10.61 13.78 -19.11
C ASP B 364 -11.52 14.59 -18.22
N TRP B 365 -10.83 15.29 -17.33
CA TRP B 365 -11.44 16.21 -16.44
C TRP B 365 -11.67 17.49 -17.26
N LYS B 366 -10.63 17.91 -17.97
CA LYS B 366 -10.69 19.11 -18.80
C LYS B 366 -11.71 18.94 -19.95
N GLY B 367 -12.94 19.37 -19.67
CA GLY B 367 -14.05 19.28 -20.60
C GLY B 367 -15.29 19.25 -19.72
N VAL B 368 -15.14 18.75 -18.49
CA VAL B 368 -16.25 18.68 -17.54
C VAL B 368 -16.79 20.07 -17.16
N GLU B 369 -18.12 20.21 -17.14
CA GLU B 369 -18.83 21.43 -16.70
C GLU B 369 -19.52 21.08 -15.38
N PRO B 370 -19.43 21.94 -14.34
CA PRO B 370 -20.12 21.57 -13.10
C PRO B 370 -21.62 21.98 -12.96
N ILE B 371 -22.35 21.13 -12.24
CA ILE B 371 -23.78 21.32 -11.96
C ILE B 371 -23.91 21.61 -10.45
N TYR B 372 -24.51 22.77 -10.14
CA TYR B 372 -24.67 23.30 -8.80
C TYR B 372 -26.10 23.35 -8.20
N GLU B 373 -26.11 23.60 -6.89
CA GLU B 373 -27.31 23.84 -6.12
C GLU B 373 -26.97 25.12 -5.36
N THR B 374 -27.70 26.18 -5.71
CA THR B 374 -27.53 27.46 -5.06
C THR B 374 -28.50 27.65 -3.90
N MET B 375 -27.98 27.59 -2.68
CA MET B 375 -28.74 27.80 -1.46
C MET B 375 -28.34 29.12 -0.80
N PRO B 376 -29.30 29.79 -0.12
CA PRO B 376 -29.03 31.05 0.55
C PRO B 376 -27.94 30.83 1.58
N GLY B 377 -27.27 31.92 1.95
CA GLY B 377 -26.20 31.87 2.93
C GLY B 377 -26.58 32.52 4.24
N TRP B 378 -25.58 33.01 4.95
CA TRP B 378 -25.81 33.65 6.24
C TRP B 378 -25.03 34.95 6.36
N SER B 379 -25.36 35.73 7.38
CA SER B 379 -24.70 37.01 7.63
C SER B 379 -24.10 36.92 9.01
N GLU B 380 -24.96 36.47 9.94
CA GLU B 380 -24.60 36.26 11.33
C GLU B 380 -23.38 35.37 11.41
N SER B 381 -22.31 35.95 11.93
CA SER B 381 -21.04 35.23 12.05
C SER B 381 -21.20 33.99 12.89
N THR B 382 -20.49 32.93 12.49
CA THR B 382 -20.50 31.63 13.18
C THR B 382 -19.17 31.33 13.85
N PHE B 383 -18.25 32.29 13.86
CA PHE B 383 -16.93 32.09 14.50
C PHE B 383 -17.11 31.78 16.00
N GLY B 384 -16.44 30.73 16.45
CA GLY B 384 -16.48 30.33 17.85
C GLY B 384 -17.75 29.65 18.30
N VAL B 385 -18.73 29.48 17.42
CA VAL B 385 -19.96 28.85 17.88
C VAL B 385 -19.65 27.48 18.52
N LYS B 386 -20.12 27.29 19.78
CA LYS B 386 -19.84 26.08 20.54
C LYS B 386 -20.95 25.05 20.62
N ASP B 387 -22.14 25.42 20.15
CA ASP B 387 -23.29 24.53 20.22
C ASP B 387 -24.03 24.46 18.88
N ARG B 388 -24.54 23.28 18.60
CA ARG B 388 -25.28 23.07 17.36
C ARG B 388 -26.35 24.17 17.19
N SER B 389 -27.14 24.43 18.24
CA SER B 389 -28.21 25.42 18.18
C SER B 389 -27.82 26.83 17.73
N GLY B 390 -26.66 27.30 18.15
CA GLY B 390 -26.25 28.65 17.78
C GLY B 390 -25.83 28.92 16.34
N LEU B 391 -26.14 28.00 15.43
CA LEU B 391 -25.81 28.11 14.01
C LEU B 391 -27.05 28.55 13.22
N PRO B 392 -26.87 29.45 12.23
CA PRO B 392 -28.07 29.84 11.50
C PRO B 392 -28.69 28.69 10.70
N GLN B 393 -29.98 28.82 10.34
CA GLN B 393 -30.69 27.79 9.60
C GLN B 393 -30.10 27.58 8.19
N ALA B 394 -29.44 28.61 7.68
CA ALA B 394 -28.83 28.52 6.37
C ALA B 394 -27.59 27.67 6.50
N ALA B 395 -26.75 27.96 7.51
CA ALA B 395 -25.55 27.14 7.72
C ALA B 395 -25.92 25.68 8.06
N LEU B 396 -27.01 25.46 8.80
CA LEU B 396 -27.47 24.12 9.12
C LEU B 396 -27.97 23.37 7.88
N ASN B 397 -28.70 24.04 7.00
CA ASN B 397 -29.19 23.43 5.75
C ASN B 397 -28.06 22.87 4.93
N TYR B 398 -27.01 23.69 4.87
CA TYR B 398 -25.76 23.41 4.17
C TYR B 398 -25.11 22.09 4.64
N ILE B 399 -24.93 21.96 5.95
CA ILE B 399 -24.30 20.79 6.55
C ILE B 399 -25.11 19.54 6.21
N LYS B 400 -26.41 19.65 6.45
CA LYS B 400 -27.29 18.53 6.20
C LYS B 400 -27.29 18.11 4.74
N ARG B 401 -27.10 19.06 3.84
CA ARG B 401 -27.08 18.74 2.41
C ARG B 401 -25.79 18.03 2.02
N ILE B 402 -24.66 18.44 2.60
CA ILE B 402 -23.39 17.73 2.32
C ILE B 402 -23.66 16.27 2.77
N GLU B 403 -24.15 16.13 3.97
CA GLU B 403 -24.50 14.83 4.51
C GLU B 403 -25.36 13.97 3.56
N GLU B 404 -26.36 14.59 2.91
CA GLU B 404 -27.28 13.91 1.95
C GLU B 404 -26.60 13.52 0.67
N LEU B 405 -26.06 14.49 -0.05
CA LEU B 405 -25.37 14.22 -1.28
C LEU B 405 -24.27 13.15 -1.16
N THR B 406 -23.67 13.05 0.04
CA THR B 406 -22.59 12.08 0.33
C THR B 406 -23.02 10.83 1.16
N GLY B 407 -23.91 11.00 2.13
CA GLY B 407 -24.27 9.83 2.92
C GLY B 407 -23.29 9.50 4.04
N VAL B 408 -22.61 10.51 4.60
CA VAL B 408 -21.71 10.32 5.75
C VAL B 408 -21.94 11.48 6.73
N PRO B 409 -22.19 11.18 8.01
CA PRO B 409 -22.43 12.22 9.00
C PRO B 409 -21.26 13.11 9.42
N ILE B 410 -21.44 14.43 9.40
CA ILE B 410 -20.42 15.37 9.83
C ILE B 410 -20.41 15.25 11.35
N ASP B 411 -19.49 14.44 11.91
CA ASP B 411 -19.45 14.19 13.37
C ASP B 411 -18.68 15.24 14.26
N ILE B 412 -17.94 16.10 13.61
CA ILE B 412 -17.10 17.12 14.20
C ILE B 412 -17.12 18.31 13.26
N ILE B 413 -17.30 19.50 13.84
CA ILE B 413 -17.33 20.79 13.14
C ILE B 413 -16.31 21.73 13.77
N SER B 414 -15.54 22.46 12.99
CA SER B 414 -14.59 23.42 13.57
C SER B 414 -15.10 24.79 13.21
N THR B 415 -15.04 25.69 14.19
CA THR B 415 -15.56 27.07 14.08
C THR B 415 -14.51 28.11 14.54
N GLY B 416 -13.24 27.73 14.39
CA GLY B 416 -12.14 28.60 14.79
C GLY B 416 -10.89 27.78 15.07
N PRO B 417 -9.69 28.32 14.82
CA PRO B 417 -8.42 27.59 15.06
C PRO B 417 -8.18 27.16 16.52
N ASP B 418 -8.54 28.00 17.51
CA ASP B 418 -8.33 27.60 18.91
C ASP B 418 -9.05 26.26 19.07
N ARG B 419 -8.79 25.58 20.19
CA ARG B 419 -9.38 24.27 20.39
C ARG B 419 -10.75 24.25 20.99
N THR B 420 -11.13 25.27 21.75
CA THR B 420 -12.47 25.30 22.37
C THR B 420 -13.54 25.60 21.33
N GLU B 421 -13.11 26.11 20.18
CA GLU B 421 -14.02 26.45 19.12
C GLU B 421 -14.32 25.23 18.19
N THR B 422 -14.81 24.15 18.82
CA THR B 422 -15.14 22.89 18.18
C THR B 422 -16.43 22.21 18.73
N MET B 423 -17.16 21.56 17.82
CA MET B 423 -18.40 20.86 18.11
C MET B 423 -18.23 19.40 17.82
N ILE B 424 -18.24 18.59 18.86
CA ILE B 424 -18.14 17.16 18.74
C ILE B 424 -19.54 16.57 18.85
N LEU B 425 -20.03 16.08 17.72
CA LEU B 425 -21.34 15.46 17.68
C LEU B 425 -21.24 13.93 17.90
N ARG B 426 -20.09 13.30 17.58
CA ARG B 426 -19.98 11.84 17.77
C ARG B 426 -18.72 11.37 18.46
N ASP B 427 -17.58 12.01 18.25
CA ASP B 427 -16.37 11.51 18.98
C ASP B 427 -15.96 10.14 18.49
N PRO B 428 -15.03 10.09 17.53
CA PRO B 428 -14.46 8.94 16.85
C PRO B 428 -14.05 7.81 17.79
N PHE B 429 -13.36 8.14 18.88
CA PHE B 429 -12.88 7.15 19.84
C PHE B 429 -13.96 6.35 20.54
N ASP B 430 -14.89 7.01 21.22
CA ASP B 430 -15.97 6.30 21.92
C ASP B 430 -17.18 6.14 21.02
N ALA B 431 -16.96 5.65 19.81
CA ALA B 431 -18.01 5.46 18.81
C ALA B 431 -18.00 4.01 18.31
PG GCP C . 2.41 -20.46 -6.81
O1G GCP C . 3.38 -21.53 -6.39
O2G GCP C . 2.53 -20.13 -8.27
O3G GCP C . 2.37 -19.25 -5.93
C3B GCP C . 0.82 -21.23 -6.39
PB GCP C . 0.62 -22.55 -5.18
O1B GCP C . 1.78 -23.46 -5.21
O2B GCP C . 0.37 -21.89 -3.89
O3A GCP C . -0.51 -23.61 -5.66
PA GCP C . -0.43 -25.13 -6.29
O1A GCP C . -1.71 -25.87 -6.11
O2A GCP C . 0.15 -25.05 -7.64
O5' GCP C . 0.61 -25.86 -5.34
C5' GCP C . 0.27 -27.04 -4.65
C4' GCP C . 0.67 -28.31 -5.33
O4' GCP C . 0.35 -29.31 -4.32
C3' GCP C . -0.22 -28.63 -6.57
O3' GCP C . 0.64 -29.23 -7.54
C2' GCP C . -1.43 -29.51 -5.98
O2' GCP C . -1.97 -30.59 -6.78
C1' GCP C . -0.87 -30.07 -4.66
N9 GCP C . -1.75 -30.07 -3.59
C8 GCP C . -2.63 -29.13 -3.13
N7 GCP C . -3.22 -29.30 -1.96
C5 GCP C . -2.62 -30.52 -1.61
C6 GCP C . -2.81 -31.30 -0.43
O6 GCP C . -3.65 -31.07 0.44
N1 GCP C . -2.01 -32.44 -0.44
C2 GCP C . -1.19 -32.80 -1.48
N2 GCP C . -0.63 -34.00 -1.41
N3 GCP C . -1.01 -32.09 -2.58
C4 GCP C . -1.74 -30.97 -2.58
H5'2 GCP C . 0.84 -27.01 -3.71
H5'1 GCP C . -0.78 -27.07 -4.41
H4' GCP C . 1.72 -28.31 -5.57
H3' GCP C . -0.59 -27.72 -7.04
HO3' GCP C . 1.25 -29.82 -7.09
H2' GCP C . -2.23 -28.79 -5.77
HO2' GCP C . -1.26 -30.96 -7.30
H1' GCP C . -0.57 -31.10 -4.84
H8 GCP C . -2.87 -28.25 -3.72
HN1 GCP C . -2.01 -33.06 0.37
HN21 GCP C . 0.35 -34.07 -1.46
HN22 GCP C . -1.17 -34.81 -1.35
PG GCP D . -1.49 20.19 4.63
O1G GCP D . -2.53 19.48 3.83
O2G GCP D . -1.34 21.63 4.27
O3G GCP D . -0.21 19.44 4.76
C3B GCP D . -2.05 20.21 6.35
PB GCP D . -3.29 21.04 7.34
O1B GCP D . -4.55 21.18 6.57
O2B GCP D . -3.28 20.16 8.51
O3A GCP D . -2.85 22.50 7.93
PA GCP D . -3.11 23.22 9.37
O1A GCP D . -3.72 22.29 10.37
O2A GCP D . -1.83 23.92 9.69
O5' GCP D . -4.25 24.37 9.38
C5' GCP D . -4.56 25.36 8.36
C4' GCP D . -5.00 26.69 8.92
O4' GCP D . -6.32 26.61 9.42
C3' GCP D . -4.20 27.02 10.13
O3' GCP D . -3.14 27.91 9.73
C2' GCP D . -5.25 27.52 11.10
O2' GCP D . -4.66 28.76 11.50
C1' GCP D . -6.59 27.67 10.31
N9 GCP D . -7.82 27.26 10.79
C8 GCP D . -8.16 25.97 11.07
N7 GCP D . -9.42 25.67 11.24
C5 GCP D . -10.03 26.93 11.06
C6 GCP D . -11.41 27.26 11.13
O6 GCP D . -12.34 26.48 11.31
N1 GCP D . -11.66 28.60 10.91
C2 GCP D . -10.72 29.58 10.63
N2 GCP D . -11.15 30.83 10.46
N3 GCP D . -9.39 29.24 10.56
C4 GCP D . -9.09 27.91 10.79
H5'2 GCP D . -3.64 25.56 7.81
H5'1 GCP D . -5.33 24.97 7.69
H4' GCP D . -4.93 27.48 8.16
H3' GCP D . -3.79 26.12 10.59
HO3' GCP D . -3.44 28.45 8.98
H2' GCP D . -5.35 26.80 11.92
HO2' GCP D . -3.99 28.56 12.16
H1' GCP D . -6.65 28.62 9.80
H8 GCP D . -7.39 25.19 11.13
HN1 GCP D . -12.61 28.95 10.96
HN21 GCP D . -10.98 31.30 9.62
HN22 GCP D . -11.58 31.33 11.19
#